data_4RYG
#
_entry.id   4RYG
#
_cell.length_a   141.674
_cell.length_b   141.674
_cell.length_c   141.674
_cell.angle_alpha   90.00
_cell.angle_beta   90.00
_cell.angle_gamma   90.00
#
_symmetry.space_group_name_H-M   'P 21 3'
#
loop_
_entity.id
_entity.type
_entity.pdbx_description
1 polymer Renin
2 non-polymer 2-acetamido-2-deoxy-beta-D-glucopyranose
3 non-polymer N-({(3S,4S)-4-[(benzylsulfonyl)amino]pyrrolidin-3-yl}methyl)-4-methoxy-3-(3-methoxypropoxy)-N-(propan-2-yl)benzamide
4 non-polymer 'SULFATE ION'
5 non-polymer 'DIMETHYL SULFOXIDE'
6 water water
#
_entity_poly.entity_id   1
_entity_poly.type   'polypeptide(L)'
_entity_poly.pdbx_seq_one_letter_code
;LTLGNTTSSVILTNYMDTQYYGEIGIGTPPQTFKVVFDTGSSNVWVPSSKCSRLYTACVYHKLFDASDSSSYKHNGTELT
LRYSTGTVSGFLSQDIITVGGITVTQMFGEVTEMPALPFMLAEFDGVVGMGFIEQAIGRVTPIFDNIISQGVLKEDVFSF
YYNRDSENSQSLGGQIVLGGSDPQHYEGNFHYINLIKTGVWQIQMKGVSVGSSTLLCEDGCLALVDTGASYISGSTSSIE
KLMEALGAKKRLFDYVVKCNEGPTLPDISFHLGGKEYTLTSADYVFQESYSSKKLCTLAIHAMDIPPPTGPTWALGATFI
RKFYTEFDRRNNRIGFALAR
;
_entity_poly.pdbx_strand_id   A,B
#
loop_
_chem_comp.id
_chem_comp.type
_chem_comp.name
_chem_comp.formula
3ZJ non-polymer N-({(3S,4S)-4-[(benzylsulfonyl)amino]pyrrolidin-3-yl}methyl)-4-methoxy-3-(3-methoxypropoxy)-N-(propan-2-yl)benzamide 'C27 H39 N3 O6 S'
DMS non-polymer 'DIMETHYL SULFOXIDE' 'C2 H6 O S'
NAG D-saccharide, beta linking 2-acetamido-2-deoxy-beta-D-glucopyranose 'C8 H15 N O6'
SO4 non-polymer 'SULFATE ION' 'O4 S -2'
#
# COMPACT_ATOMS: atom_id res chain seq x y z
N THR A 2 -14.98 28.67 -19.00
CA THR A 2 -16.19 28.62 -18.16
C THR A 2 -16.11 27.47 -17.15
N LEU A 3 -16.48 27.74 -15.89
CA LEU A 3 -16.49 26.73 -14.84
C LEU A 3 -17.92 26.48 -14.36
N GLY A 4 -18.27 25.20 -14.19
CA GLY A 4 -19.58 24.77 -13.75
C GLY A 4 -19.58 24.35 -12.29
N ASN A 5 -20.44 23.39 -11.96
CA ASN A 5 -20.58 22.86 -10.59
C ASN A 5 -20.57 21.32 -10.63
N THR A 6 -19.93 20.74 -11.67
CA THR A 6 -19.94 19.29 -11.86
C THR A 6 -18.54 18.65 -11.77
N THR A 7 -18.54 17.44 -11.21
CA THR A 7 -17.40 16.54 -11.14
C THR A 7 -17.92 15.21 -11.62
N SER A 8 -17.11 14.48 -12.34
CA SER A 8 -17.54 13.16 -12.76
C SER A 8 -16.43 12.18 -12.50
N SER A 9 -16.81 10.99 -12.15
CA SER A 9 -15.82 9.98 -11.86
C SER A 9 -15.90 8.77 -12.78
N VAL A 10 -14.75 8.19 -13.11
CA VAL A 10 -14.68 6.97 -13.89
C VAL A 10 -14.04 5.91 -12.97
N ILE A 11 -14.76 4.81 -12.73
CA ILE A 11 -14.25 3.70 -11.95
C ILE A 11 -13.28 2.92 -12.85
N LEU A 12 -12.12 2.52 -12.28
CA LEU A 12 -11.12 1.77 -13.03
C LEU A 12 -10.96 0.34 -12.55
N THR A 13 -10.48 -0.50 -13.45
CA THR A 13 -10.20 -1.89 -13.20
C THR A 13 -8.69 -2.01 -13.08
N ASN A 14 -8.24 -2.66 -12.02
CA ASN A 14 -6.82 -2.93 -11.81
C ASN A 14 -6.54 -4.35 -12.30
N TYR A 15 -5.82 -4.45 -13.42
CA TYR A 15 -5.38 -5.75 -13.91
C TYR A 15 -3.91 -5.99 -13.51
N MET A 16 -3.70 -6.93 -12.55
CA MET A 16 -2.38 -7.41 -12.06
C MET A 16 -1.42 -6.33 -11.59
N ASP A 17 -1.90 -5.16 -11.19
CA ASP A 17 -1.07 -4.01 -10.81
C ASP A 17 -0.28 -3.42 -11.98
N THR A 18 -0.50 -3.91 -13.22
CA THR A 18 0.19 -3.41 -14.42
C THR A 18 -0.69 -2.60 -15.36
N GLN A 19 -1.99 -2.90 -15.44
CA GLN A 19 -2.89 -2.18 -16.36
C GLN A 19 -4.09 -1.67 -15.60
N TYR A 20 -4.41 -0.35 -15.72
CA TYR A 20 -5.57 0.29 -15.08
C TYR A 20 -6.41 0.89 -16.17
N TYR A 21 -7.65 0.41 -16.27
CA TYR A 21 -8.52 0.87 -17.34
C TYR A 21 -9.97 1.11 -16.90
N GLY A 22 -10.62 2.07 -17.58
CA GLY A 22 -12.02 2.38 -17.38
C GLY A 22 -12.82 2.14 -18.65
N GLU A 23 -14.09 2.53 -18.63
CA GLU A 23 -14.99 2.35 -19.74
C GLU A 23 -15.49 3.63 -20.30
N ILE A 24 -15.59 3.66 -21.64
CA ILE A 24 -16.13 4.77 -22.42
C ILE A 24 -17.10 4.18 -23.46
N GLY A 25 -18.04 5.01 -23.91
CA GLY A 25 -19.00 4.65 -24.95
C GLY A 25 -18.79 5.51 -26.17
N ILE A 26 -18.80 4.92 -27.37
CA ILE A 26 -18.59 5.66 -28.62
C ILE A 26 -19.74 5.37 -29.57
N GLY A 27 -20.39 6.44 -30.03
CA GLY A 27 -21.48 6.37 -30.99
C GLY A 27 -22.88 6.29 -30.43
N THR A 28 -23.87 6.19 -31.35
CA THR A 28 -25.30 6.06 -31.05
C THR A 28 -25.84 4.84 -31.81
N PRO A 29 -26.20 3.74 -31.11
CA PRO A 29 -26.10 3.50 -29.64
C PRO A 29 -24.63 3.36 -29.21
N PRO A 30 -24.28 3.58 -27.91
CA PRO A 30 -22.87 3.47 -27.52
C PRO A 30 -22.29 2.07 -27.66
N GLN A 31 -21.06 2.04 -28.20
CA GLN A 31 -20.23 0.85 -28.34
C GLN A 31 -19.22 1.07 -27.22
N THR A 32 -19.08 0.10 -26.30
CA THR A 32 -18.22 0.26 -25.13
C THR A 32 -16.83 -0.29 -25.34
N PHE A 33 -15.84 0.44 -24.84
CA PHE A 33 -14.44 0.08 -24.93
C PHE A 33 -13.80 0.26 -23.59
N LYS A 34 -12.84 -0.62 -23.25
CA LYS A 34 -11.99 -0.56 -22.06
C LYS A 34 -10.79 0.29 -22.53
N VAL A 35 -10.57 1.44 -21.87
CA VAL A 35 -9.50 2.36 -22.28
C VAL A 35 -8.54 2.73 -21.12
N VAL A 36 -7.30 3.06 -21.49
CA VAL A 36 -6.30 3.53 -20.55
C VAL A 36 -6.36 5.08 -20.62
N PHE A 37 -6.47 5.73 -19.44
CA PHE A 37 -6.47 7.20 -19.36
C PHE A 37 -5.03 7.55 -19.13
N ASP A 38 -4.37 8.00 -20.20
CA ASP A 38 -2.91 8.19 -20.29
C ASP A 38 -2.46 9.65 -20.38
N THR A 39 -1.77 10.14 -19.33
CA THR A 39 -1.27 11.52 -19.25
C THR A 39 0.01 11.72 -20.09
N GLY A 40 0.60 10.62 -20.54
CA GLY A 40 1.78 10.61 -21.38
C GLY A 40 1.48 10.77 -22.85
N SER A 41 0.18 10.84 -23.24
CA SER A 41 -0.25 10.98 -24.65
C SER A 41 -1.53 11.82 -24.77
N SER A 42 -1.85 12.35 -25.96
CA SER A 42 -2.97 13.28 -26.10
C SER A 42 -4.04 12.88 -27.11
N ASN A 43 -3.94 11.64 -27.65
CA ASN A 43 -4.88 11.13 -28.63
C ASN A 43 -5.84 10.11 -28.03
N VAL A 44 -7.04 10.05 -28.60
CA VAL A 44 -8.04 9.04 -28.27
C VAL A 44 -8.00 8.08 -29.45
N TRP A 45 -7.92 6.79 -29.17
CA TRP A 45 -7.97 5.77 -30.21
C TRP A 45 -8.54 4.47 -29.69
N VAL A 46 -9.27 3.74 -30.55
CA VAL A 46 -9.84 2.41 -30.25
C VAL A 46 -9.59 1.48 -31.45
N PRO A 47 -9.59 0.14 -31.30
CA PRO A 47 -9.43 -0.69 -32.52
C PRO A 47 -10.65 -0.54 -33.45
N SER A 48 -10.42 -0.57 -34.77
CA SER A 48 -11.47 -0.40 -35.79
C SER A 48 -12.00 -1.69 -36.33
N SER A 49 -13.24 -1.65 -36.85
CA SER A 49 -13.88 -2.79 -37.52
C SER A 49 -13.15 -3.01 -38.85
N LYS A 50 -12.53 -1.95 -39.37
CA LYS A 50 -11.76 -1.96 -40.60
C LYS A 50 -10.36 -2.53 -40.41
N CYS A 51 -10.07 -3.12 -39.23
CA CYS A 51 -8.78 -3.76 -38.93
C CYS A 51 -8.80 -5.21 -39.38
N SER A 52 -7.84 -5.56 -40.24
CA SER A 52 -7.65 -6.88 -40.82
C SER A 52 -7.54 -7.94 -39.74
N ARG A 53 -8.38 -9.00 -39.81
CA ARG A 53 -8.41 -10.11 -38.86
C ARG A 53 -7.12 -10.96 -38.86
N LEU A 54 -6.13 -10.54 -39.70
CA LEU A 54 -4.79 -11.12 -39.77
C LEU A 54 -3.96 -10.59 -38.61
N TYR A 55 -4.32 -9.38 -38.03
CA TYR A 55 -3.79 -8.82 -36.78
C TYR A 55 -4.58 -9.54 -35.69
N THR A 56 -3.90 -10.47 -34.95
CA THR A 56 -4.56 -11.27 -33.92
C THR A 56 -5.11 -10.37 -32.79
N ALA A 57 -4.47 -9.20 -32.53
CA ALA A 57 -4.87 -8.20 -31.54
C ALA A 57 -6.29 -7.74 -31.79
N CYS A 58 -6.62 -7.51 -33.06
CA CYS A 58 -7.95 -7.08 -33.47
C CYS A 58 -9.01 -8.15 -33.30
N VAL A 59 -8.62 -9.42 -33.36
CA VAL A 59 -9.54 -10.54 -33.15
C VAL A 59 -9.87 -10.63 -31.66
N TYR A 60 -8.93 -10.17 -30.79
CA TYR A 60 -9.08 -10.26 -29.34
C TYR A 60 -9.56 -8.98 -28.62
N HIS A 61 -9.84 -7.90 -29.35
CA HIS A 61 -10.33 -6.65 -28.75
C HIS A 61 -11.64 -6.18 -29.37
N LYS A 62 -12.37 -5.30 -28.66
CA LYS A 62 -13.61 -4.71 -29.14
C LYS A 62 -13.26 -3.74 -30.27
N LEU A 63 -14.02 -3.81 -31.39
CA LEU A 63 -13.76 -2.96 -32.54
C LEU A 63 -14.88 -1.99 -32.79
N PHE A 64 -14.53 -0.74 -33.10
CA PHE A 64 -15.52 0.27 -33.44
C PHE A 64 -15.98 0.10 -34.86
N ASP A 65 -17.30 -0.02 -35.01
CA ASP A 65 -17.97 -0.14 -36.30
C ASP A 65 -18.84 1.11 -36.49
N ALA A 66 -18.38 2.03 -37.36
CA ALA A 66 -19.02 3.30 -37.69
C ALA A 66 -20.38 3.11 -38.40
N SER A 67 -20.56 1.99 -39.11
CA SER A 67 -21.80 1.59 -39.81
C SER A 67 -22.96 1.34 -38.81
N ASP A 68 -22.65 1.18 -37.51
CA ASP A 68 -23.64 0.95 -36.47
C ASP A 68 -23.94 2.20 -35.70
N SER A 69 -23.23 3.31 -36.03
CA SER A 69 -23.44 4.56 -35.31
C SER A 69 -24.12 5.61 -36.17
N SER A 70 -25.22 6.17 -35.64
CA SER A 70 -26.01 7.20 -36.33
C SER A 70 -25.44 8.60 -36.10
N SER A 71 -24.46 8.74 -35.17
CA SER A 71 -23.83 10.02 -34.81
C SER A 71 -22.40 10.17 -35.39
N TYR A 72 -21.97 9.15 -36.15
CA TYR A 72 -20.65 9.12 -36.74
C TYR A 72 -20.50 10.15 -37.83
N LYS A 73 -19.36 10.85 -37.83
CA LYS A 73 -19.00 11.81 -38.86
C LYS A 73 -17.65 11.40 -39.41
N HIS A 74 -17.58 11.19 -40.71
CA HIS A 74 -16.39 10.78 -41.43
C HIS A 74 -15.26 11.84 -41.40
N ASN A 75 -14.02 11.38 -41.44
CA ASN A 75 -12.86 12.24 -41.58
C ASN A 75 -11.87 11.52 -42.47
N GLY A 76 -11.29 10.44 -41.98
CA GLY A 76 -10.40 9.62 -42.79
C GLY A 76 -8.96 10.01 -42.90
N THR A 77 -8.56 11.17 -42.33
CA THR A 77 -7.15 11.59 -42.33
C THR A 77 -6.33 10.47 -41.67
N GLU A 78 -5.21 10.05 -42.32
CA GLU A 78 -4.33 9.01 -41.77
C GLU A 78 -3.73 9.48 -40.43
N LEU A 79 -3.45 8.54 -39.54
CA LEU A 79 -2.93 8.78 -38.20
C LEU A 79 -1.97 7.65 -37.84
N THR A 80 -0.78 8.00 -37.34
CA THR A 80 0.24 7.05 -36.85
C THR A 80 0.69 7.51 -35.47
N LEU A 81 0.48 6.65 -34.48
CA LEU A 81 0.86 6.92 -33.10
C LEU A 81 1.98 5.96 -32.76
N ARG A 82 3.23 6.52 -32.71
CA ARG A 82 4.47 5.78 -32.41
C ARG A 82 4.81 5.83 -30.93
N TYR A 83 4.25 4.90 -30.20
CA TYR A 83 4.60 4.77 -28.81
C TYR A 83 5.90 3.95 -28.86
N SER A 84 6.76 4.21 -27.91
CA SER A 84 8.07 3.58 -27.79
C SER A 84 7.96 2.11 -27.30
N THR A 85 6.74 1.69 -26.95
CA THR A 85 6.41 0.30 -26.55
C THR A 85 5.94 -0.50 -27.76
N GLY A 86 5.43 0.23 -28.75
CA GLY A 86 4.85 -0.29 -29.98
C GLY A 86 3.96 0.75 -30.66
N THR A 87 3.91 0.70 -32.00
CA THR A 87 3.21 1.65 -32.87
C THR A 87 1.82 1.15 -33.31
N VAL A 88 0.86 2.09 -33.50
CA VAL A 88 -0.50 1.86 -34.01
C VAL A 88 -0.79 2.89 -35.09
N SER A 89 -1.52 2.45 -36.12
CA SER A 89 -1.95 3.35 -37.18
C SER A 89 -3.39 3.03 -37.63
N GLY A 90 -4.01 4.06 -38.18
CA GLY A 90 -5.37 4.01 -38.66
C GLY A 90 -5.72 5.35 -39.23
N PHE A 91 -6.95 5.81 -38.95
CA PHE A 91 -7.44 7.05 -39.52
C PHE A 91 -8.39 7.75 -38.55
N LEU A 92 -8.59 9.04 -38.75
CA LEU A 92 -9.44 9.88 -37.91
C LEU A 92 -10.93 9.75 -38.20
N SER A 93 -11.72 9.76 -37.13
CA SER A 93 -13.19 9.70 -37.18
C SER A 93 -13.72 10.56 -36.07
N GLN A 94 -14.98 10.96 -36.20
CA GLN A 94 -15.64 11.73 -35.17
C GLN A 94 -16.95 11.03 -34.77
N ASP A 95 -17.26 11.02 -33.48
CA ASP A 95 -18.49 10.50 -32.89
C ASP A 95 -18.63 11.01 -31.47
N ILE A 96 -19.77 10.74 -30.83
CA ILE A 96 -20.02 11.14 -29.45
C ILE A 96 -19.42 10.12 -28.52
N ILE A 97 -18.59 10.57 -27.57
CA ILE A 97 -17.95 9.76 -26.54
C ILE A 97 -18.56 10.04 -25.17
N THR A 98 -18.94 8.98 -24.45
CA THR A 98 -19.49 9.08 -23.09
C THR A 98 -18.41 8.63 -22.12
N VAL A 99 -18.03 9.53 -21.21
CA VAL A 99 -17.02 9.33 -20.18
C VAL A 99 -17.61 9.90 -18.87
N GLY A 100 -17.89 9.00 -17.93
CA GLY A 100 -18.49 9.32 -16.64
C GLY A 100 -19.73 10.22 -16.70
N GLY A 101 -20.65 9.96 -17.60
CA GLY A 101 -21.83 10.81 -17.68
C GLY A 101 -21.70 11.96 -18.66
N ILE A 102 -20.47 12.56 -18.74
CA ILE A 102 -20.16 13.61 -19.71
C ILE A 102 -20.19 13.01 -21.11
N THR A 103 -21.02 13.60 -21.96
CA THR A 103 -21.19 13.30 -23.37
C THR A 103 -20.46 14.42 -24.14
N VAL A 104 -19.51 14.03 -24.98
CA VAL A 104 -18.71 14.98 -25.76
C VAL A 104 -18.51 14.52 -27.22
N THR A 105 -18.64 15.44 -28.20
CA THR A 105 -18.33 15.12 -29.61
C THR A 105 -16.81 15.18 -29.67
N GLN A 106 -16.19 14.09 -30.07
CA GLN A 106 -14.73 13.92 -30.08
C GLN A 106 -14.22 13.24 -31.37
N MET A 107 -13.06 13.72 -31.81
CA MET A 107 -12.31 13.20 -32.93
C MET A 107 -11.31 12.17 -32.34
N PHE A 108 -11.30 10.97 -32.89
CA PHE A 108 -10.46 9.90 -32.39
C PHE A 108 -9.93 9.07 -33.57
N GLY A 109 -8.94 8.24 -33.31
CA GLY A 109 -8.37 7.37 -34.33
C GLY A 109 -9.01 6.00 -34.32
N GLU A 110 -9.32 5.49 -35.50
CA GLU A 110 -9.85 4.16 -35.73
C GLU A 110 -8.62 3.38 -36.17
N VAL A 111 -8.04 2.56 -35.26
CA VAL A 111 -6.81 1.81 -35.49
C VAL A 111 -7.07 0.56 -36.35
N THR A 112 -6.31 0.46 -37.46
CA THR A 112 -6.42 -0.63 -38.43
C THR A 112 -5.16 -1.52 -38.44
N GLU A 113 -4.07 -1.06 -37.81
CA GLU A 113 -2.81 -1.80 -37.69
C GLU A 113 -2.43 -1.76 -36.21
N MET A 114 -2.59 -2.91 -35.57
CA MET A 114 -2.40 -3.07 -34.14
C MET A 114 -1.54 -4.34 -33.88
N PRO A 115 -0.20 -4.16 -33.65
CA PRO A 115 0.69 -5.31 -33.47
C PRO A 115 0.43 -6.15 -32.23
N ALA A 116 0.52 -7.48 -32.43
CA ALA A 116 0.38 -8.50 -31.39
C ALA A 116 1.23 -8.15 -30.17
N LEU A 117 2.40 -7.54 -30.40
CA LEU A 117 3.27 -7.10 -29.33
C LEU A 117 3.25 -5.58 -29.29
N PRO A 118 2.67 -4.97 -28.27
CA PRO A 118 2.22 -5.55 -26.99
C PRO A 118 0.71 -5.76 -26.82
N PHE A 119 -0.12 -5.43 -27.82
CA PHE A 119 -1.59 -5.43 -27.71
C PHE A 119 -2.23 -6.79 -27.47
N MET A 120 -1.52 -7.93 -27.65
CA MET A 120 -2.10 -9.24 -27.33
C MET A 120 -2.11 -9.44 -25.83
N LEU A 121 -1.24 -8.67 -25.14
CA LEU A 121 -1.07 -8.66 -23.68
C LEU A 121 -1.96 -7.61 -23.06
N ALA A 122 -2.53 -6.70 -23.89
CA ALA A 122 -3.39 -5.62 -23.43
C ALA A 122 -4.79 -6.14 -23.03
N GLU A 123 -5.24 -5.84 -21.78
CA GLU A 123 -6.60 -6.13 -21.32
C GLU A 123 -7.53 -5.03 -21.88
N PHE A 124 -7.01 -3.81 -22.03
CA PHE A 124 -7.75 -2.65 -22.56
C PHE A 124 -7.78 -2.76 -24.06
N ASP A 125 -8.76 -2.08 -24.70
CA ASP A 125 -8.92 -2.06 -26.15
C ASP A 125 -8.17 -0.89 -26.74
N GLY A 126 -8.36 0.29 -26.16
CA GLY A 126 -7.75 1.53 -26.65
C GLY A 126 -7.18 2.46 -25.59
N VAL A 127 -6.97 3.72 -25.98
CA VAL A 127 -6.34 4.75 -25.15
C VAL A 127 -7.09 6.06 -25.22
N VAL A 128 -7.18 6.76 -24.09
CA VAL A 128 -7.76 8.11 -23.98
C VAL A 128 -6.60 8.97 -23.45
N GLY A 129 -5.98 9.72 -24.36
CA GLY A 129 -4.87 10.59 -24.01
C GLY A 129 -5.37 11.76 -23.17
N MET A 130 -4.73 12.00 -22.00
CA MET A 130 -5.05 13.07 -21.02
C MET A 130 -4.00 14.18 -21.06
N GLY A 131 -3.10 14.09 -22.04
CA GLY A 131 -2.07 15.10 -22.29
C GLY A 131 -2.61 16.36 -22.96
N PHE A 132 -1.69 17.24 -23.40
CA PHE A 132 -2.03 18.54 -24.02
C PHE A 132 -2.04 18.49 -25.54
N ILE A 133 -2.76 19.44 -26.19
CA ILE A 133 -2.88 19.54 -27.66
C ILE A 133 -1.52 19.59 -28.35
N GLU A 134 -0.51 20.20 -27.69
CA GLU A 134 0.89 20.29 -28.17
C GLU A 134 1.50 18.93 -28.49
N GLN A 135 1.05 17.84 -27.82
CA GLN A 135 1.58 16.49 -28.04
C GLN A 135 0.60 15.61 -28.84
N ALA A 136 -0.48 16.21 -29.37
CA ALA A 136 -1.49 15.50 -30.13
C ALA A 136 -1.12 15.39 -31.61
N ILE A 137 -1.11 14.15 -32.12
CA ILE A 137 -0.78 13.85 -33.51
C ILE A 137 -1.94 14.30 -34.37
N GLY A 138 -1.62 15.04 -35.44
CA GLY A 138 -2.57 15.66 -36.34
C GLY A 138 -3.23 16.88 -35.72
N ARG A 139 -2.70 17.31 -34.55
CA ARG A 139 -3.16 18.45 -33.74
C ARG A 139 -4.67 18.37 -33.48
N VAL A 140 -5.13 17.16 -33.13
CA VAL A 140 -6.52 16.85 -32.81
C VAL A 140 -6.75 17.30 -31.38
N THR A 141 -7.87 18.00 -31.13
CA THR A 141 -8.22 18.48 -29.80
C THR A 141 -8.32 17.32 -28.78
N PRO A 142 -7.59 17.33 -27.66
CA PRO A 142 -7.73 16.24 -26.68
C PRO A 142 -9.08 16.30 -25.99
N ILE A 143 -9.57 15.13 -25.53
CA ILE A 143 -10.89 14.97 -24.89
C ILE A 143 -11.10 15.91 -23.68
N PHE A 144 -10.07 16.12 -22.81
CA PHE A 144 -10.21 17.02 -21.65
C PHE A 144 -10.44 18.45 -22.08
N ASP A 145 -9.74 18.89 -23.16
CA ASP A 145 -9.91 20.24 -23.75
C ASP A 145 -11.35 20.42 -24.23
N ASN A 146 -11.93 19.38 -24.87
CA ASN A 146 -13.33 19.42 -25.30
C ASN A 146 -14.30 19.39 -24.10
N ILE A 147 -13.96 18.66 -23.02
CA ILE A 147 -14.79 18.63 -21.81
C ILE A 147 -14.75 20.02 -21.09
N ILE A 148 -13.54 20.64 -20.99
CA ILE A 148 -13.34 21.98 -20.41
C ILE A 148 -14.27 22.94 -21.19
N SER A 149 -14.19 22.93 -22.55
CA SER A 149 -14.99 23.78 -23.43
C SER A 149 -16.48 23.80 -23.11
N GLN A 150 -17.02 22.71 -22.58
CA GLN A 150 -18.44 22.60 -22.22
C GLN A 150 -18.84 23.44 -21.00
N GLY A 151 -17.85 23.93 -20.25
CA GLY A 151 -18.02 24.78 -19.07
C GLY A 151 -18.96 24.20 -18.02
N VAL A 152 -18.80 22.91 -17.78
CA VAL A 152 -19.62 22.14 -16.87
C VAL A 152 -18.82 21.69 -15.58
N LEU A 153 -17.48 21.61 -15.67
CA LEU A 153 -16.61 21.17 -14.58
C LEU A 153 -16.39 22.22 -13.48
N LYS A 154 -16.42 21.79 -12.20
CA LYS A 154 -16.21 22.66 -11.04
C LYS A 154 -14.83 23.33 -11.08
N GLU A 155 -13.80 22.56 -11.49
CA GLU A 155 -12.41 23.00 -11.66
C GLU A 155 -11.83 22.36 -12.90
N ASP A 156 -10.88 23.05 -13.52
CA ASP A 156 -10.19 22.62 -14.73
C ASP A 156 -8.99 21.72 -14.31
N VAL A 157 -9.33 20.61 -13.59
CA VAL A 157 -8.38 19.62 -13.04
C VAL A 157 -8.95 18.20 -13.17
N PHE A 158 -8.07 17.19 -13.11
CA PHE A 158 -8.46 15.78 -13.06
C PHE A 158 -7.51 15.01 -12.14
N SER A 159 -8.05 13.98 -11.43
CA SER A 159 -7.30 13.23 -10.45
C SER A 159 -7.29 11.75 -10.65
N PHE A 160 -6.17 11.11 -10.29
CA PHE A 160 -5.96 9.68 -10.37
C PHE A 160 -5.68 9.05 -9.04
N TYR A 161 -6.41 7.94 -8.81
CA TYR A 161 -6.26 7.02 -7.70
C TYR A 161 -6.07 5.64 -8.34
N TYR A 162 -4.98 4.94 -8.00
CA TYR A 162 -4.67 3.58 -8.44
C TYR A 162 -4.50 2.76 -7.19
N ASN A 163 -5.34 1.75 -6.99
CA ASN A 163 -5.29 0.90 -5.81
C ASN A 163 -4.30 -0.29 -6.00
N ARG A 164 -3.97 -0.98 -4.90
CA ARG A 164 -3.18 -2.22 -4.86
C ARG A 164 -4.19 -3.35 -5.16
N ASP A 165 -3.79 -4.35 -5.96
CA ASP A 165 -4.66 -5.45 -6.43
C ASP A 165 -5.37 -6.28 -5.34
N SER A 166 -6.51 -6.92 -5.71
CA SER A 166 -7.34 -7.81 -4.87
C SER A 166 -7.22 -9.25 -5.34
N GLN A 170 -13.14 -7.83 -5.25
CA GLN A 170 -14.32 -7.23 -4.62
C GLN A 170 -14.14 -5.72 -4.29
N SER A 171 -12.88 -5.23 -4.45
CA SER A 171 -12.44 -3.84 -4.19
C SER A 171 -12.39 -2.97 -5.48
N LEU A 172 -12.26 -1.65 -5.28
CA LEU A 172 -12.16 -0.66 -6.35
C LEU A 172 -10.75 -0.73 -6.97
N GLY A 173 -10.66 -0.87 -8.29
CA GLY A 173 -9.36 -0.91 -8.97
C GLY A 173 -8.65 0.44 -8.99
N GLY A 174 -9.44 1.48 -9.09
CA GLY A 174 -8.94 2.85 -9.14
C GLY A 174 -10.07 3.78 -9.49
N GLN A 175 -9.75 5.06 -9.64
CA GLN A 175 -10.73 6.10 -9.94
C GLN A 175 -10.07 7.34 -10.53
N ILE A 176 -10.73 7.91 -11.52
CA ILE A 176 -10.39 9.19 -12.15
C ILE A 176 -11.54 10.12 -11.84
N VAL A 177 -11.22 11.29 -11.28
CA VAL A 177 -12.22 12.33 -11.01
C VAL A 177 -11.91 13.41 -12.01
N LEU A 178 -12.91 13.82 -12.79
CA LEU A 178 -12.83 14.92 -13.75
C LEU A 178 -13.49 16.13 -13.07
N GLY A 179 -12.75 17.24 -12.99
CA GLY A 179 -13.25 18.45 -12.36
C GLY A 179 -12.92 18.63 -10.88
N GLY A 180 -12.13 17.70 -10.31
CA GLY A 180 -11.74 17.74 -8.90
C GLY A 180 -10.91 16.56 -8.47
N SER A 181 -11.01 16.23 -7.17
CA SER A 181 -10.30 15.12 -6.48
C SER A 181 -11.24 14.48 -5.44
N ASP A 182 -10.98 13.21 -5.06
CA ASP A 182 -11.78 12.52 -4.06
C ASP A 182 -10.99 12.39 -2.76
N PRO A 183 -11.42 13.13 -1.71
CA PRO A 183 -10.69 13.10 -0.42
C PRO A 183 -10.70 11.75 0.30
N GLN A 184 -11.66 10.88 -0.05
CA GLN A 184 -11.73 9.53 0.52
C GLN A 184 -10.55 8.66 0.09
N HIS A 185 -9.78 9.09 -0.97
CA HIS A 185 -8.65 8.32 -1.48
C HIS A 185 -7.29 8.95 -1.22
N TYR A 186 -7.23 10.12 -0.55
CA TYR A 186 -5.94 10.72 -0.16
C TYR A 186 -6.05 11.20 1.27
N GLU A 187 -4.92 11.56 1.88
CA GLU A 187 -4.83 12.06 3.25
C GLU A 187 -3.61 12.98 3.32
N GLY A 188 -3.61 13.85 4.33
CA GLY A 188 -2.64 14.93 4.41
C GLY A 188 -3.03 15.95 3.35
N ASN A 189 -2.10 16.84 2.99
CA ASN A 189 -2.40 17.89 1.99
C ASN A 189 -1.63 17.70 0.72
N PHE A 190 -2.19 18.21 -0.40
CA PHE A 190 -1.53 18.17 -1.69
C PHE A 190 -0.32 19.09 -1.65
N HIS A 191 0.79 18.62 -2.24
CA HIS A 191 2.05 19.33 -2.42
C HIS A 191 2.22 19.42 -3.94
N TYR A 192 2.14 20.65 -4.49
CA TYR A 192 2.22 20.88 -5.95
C TYR A 192 3.62 21.14 -6.42
N ILE A 193 3.86 20.86 -7.69
CA ILE A 193 5.11 21.07 -8.40
C ILE A 193 4.66 21.62 -9.75
N ASN A 194 5.14 22.82 -10.15
CA ASN A 194 4.76 23.41 -11.43
C ASN A 194 5.41 22.71 -12.60
N LEU A 195 4.70 22.64 -13.73
CA LEU A 195 5.24 22.03 -14.94
C LEU A 195 6.38 22.90 -15.45
N ILE A 196 7.38 22.27 -16.06
CA ILE A 196 8.52 22.98 -16.63
C ILE A 196 8.00 23.92 -17.74
N LYS A 197 7.20 23.38 -18.65
CA LYS A 197 6.55 24.10 -19.73
C LYS A 197 5.17 23.47 -19.93
N THR A 198 4.19 24.28 -20.36
CA THR A 198 2.85 23.77 -20.70
C THR A 198 3.01 22.86 -21.97
N GLY A 199 2.06 21.96 -22.18
CA GLY A 199 2.10 21.05 -23.32
C GLY A 199 2.49 19.63 -22.94
N VAL A 200 3.15 19.46 -21.78
CA VAL A 200 3.61 18.17 -21.27
C VAL A 200 3.28 18.09 -19.78
N TRP A 201 3.03 16.86 -19.24
CA TRP A 201 2.83 16.65 -17.79
C TRP A 201 4.18 16.20 -17.20
N GLN A 202 5.19 17.03 -17.41
CA GLN A 202 6.56 16.79 -16.99
C GLN A 202 6.99 17.89 -16.03
N ILE A 203 7.64 17.48 -14.95
CA ILE A 203 8.13 18.32 -13.86
C ILE A 203 9.62 18.05 -13.63
N GLN A 204 10.27 18.95 -12.88
CA GLN A 204 11.69 18.85 -12.56
C GLN A 204 11.89 17.96 -11.33
N MET A 205 12.85 17.03 -11.41
CA MET A 205 13.25 16.13 -10.33
C MET A 205 14.65 16.57 -9.83
N LYS A 206 14.79 16.73 -8.50
CA LYS A 206 16.03 17.22 -7.91
C LYS A 206 17.02 16.14 -7.47
N GLY A 207 16.60 14.86 -7.51
CA GLY A 207 17.46 13.74 -7.15
C GLY A 207 16.73 12.44 -6.87
N VAL A 208 17.39 11.31 -7.12
CA VAL A 208 16.87 9.94 -6.88
C VAL A 208 17.84 9.26 -5.92
N SER A 209 17.34 8.81 -4.76
CA SER A 209 18.23 8.19 -3.77
C SER A 209 17.91 6.74 -3.44
N VAL A 210 18.96 5.92 -3.35
CA VAL A 210 18.90 4.51 -2.98
C VAL A 210 19.49 4.41 -1.56
N GLY A 211 18.62 4.21 -0.59
CA GLY A 211 18.99 4.14 0.83
C GLY A 211 18.87 5.51 1.47
N SER A 212 20.01 6.21 1.63
CA SER A 212 20.08 7.54 2.25
C SER A 212 20.95 8.53 1.45
N SER A 213 21.54 8.05 0.32
CA SER A 213 22.46 8.82 -0.54
C SER A 213 21.92 9.02 -1.96
N THR A 214 21.98 10.30 -2.48
CA THR A 214 21.52 10.73 -3.81
C THR A 214 22.44 10.13 -4.87
N LEU A 215 22.35 8.82 -5.06
CA LEU A 215 23.19 8.08 -5.99
C LEU A 215 22.93 8.48 -7.45
N LEU A 216 21.72 9.02 -7.76
CA LEU A 216 21.30 9.43 -9.11
C LEU A 216 20.58 10.78 -9.17
N CYS A 217 20.47 11.36 -10.39
CA CYS A 217 19.83 12.66 -10.67
C CYS A 217 20.37 13.79 -9.74
N GLU A 218 21.71 13.77 -9.50
CA GLU A 218 22.44 14.71 -8.63
C GLU A 218 22.41 16.12 -9.16
N ASP A 219 22.62 16.28 -10.48
CA ASP A 219 22.63 17.60 -11.12
C ASP A 219 21.25 18.02 -11.67
N GLY A 220 20.20 17.28 -11.25
CA GLY A 220 18.83 17.52 -11.67
C GLY A 220 18.45 16.76 -12.92
N CYS A 221 17.16 16.44 -13.05
CA CYS A 221 16.63 15.71 -14.20
C CYS A 221 15.13 15.92 -14.35
N LEU A 222 14.55 15.25 -15.34
CA LEU A 222 13.13 15.35 -15.66
C LEU A 222 12.34 14.14 -15.19
N ALA A 223 11.07 14.39 -14.90
CA ALA A 223 10.09 13.39 -14.45
C ALA A 223 8.75 13.59 -15.15
N LEU A 224 8.45 12.70 -16.08
CA LEU A 224 7.15 12.68 -16.76
C LEU A 224 6.20 11.91 -15.82
N VAL A 225 5.06 12.52 -15.43
CA VAL A 225 4.07 11.89 -14.55
C VAL A 225 3.02 11.25 -15.46
N ASP A 226 3.23 9.96 -15.73
CA ASP A 226 2.54 9.15 -16.73
C ASP A 226 1.59 8.06 -16.18
N THR A 227 0.29 8.35 -16.20
CA THR A 227 -0.76 7.43 -15.76
C THR A 227 -0.87 6.15 -16.64
N GLY A 228 -0.46 6.24 -17.91
CA GLY A 228 -0.52 5.15 -18.87
C GLY A 228 0.66 4.20 -18.84
N ALA A 229 1.61 4.43 -17.94
CA ALA A 229 2.80 3.61 -17.80
C ALA A 229 2.62 2.74 -16.57
N SER A 230 3.07 1.50 -16.66
CA SER A 230 2.95 0.55 -15.56
C SER A 230 3.99 0.79 -14.50
N TYR A 231 5.19 1.16 -14.91
CA TYR A 231 6.31 1.30 -13.99
C TYR A 231 6.88 2.69 -13.82
N ILE A 232 7.87 2.75 -12.97
CA ILE A 232 8.72 3.90 -12.78
C ILE A 232 9.86 3.53 -13.76
N SER A 233 10.19 4.43 -14.65
CA SER A 233 11.24 4.17 -15.64
C SER A 233 12.24 5.34 -15.70
N GLY A 234 13.45 5.02 -16.12
CA GLY A 234 14.52 5.97 -16.33
C GLY A 234 15.30 5.51 -17.54
N SER A 235 16.30 6.30 -17.96
CA SER A 235 17.23 5.98 -19.06
C SER A 235 17.98 4.68 -18.75
N THR A 236 18.35 3.92 -19.79
CA THR A 236 19.13 2.68 -19.72
C THR A 236 20.31 2.85 -18.74
N SER A 237 20.99 4.00 -18.82
CA SER A 237 22.13 4.33 -17.98
C SER A 237 21.74 4.42 -16.49
N SER A 238 20.72 5.26 -16.18
CA SER A 238 20.23 5.47 -14.81
C SER A 238 19.75 4.17 -14.14
N ILE A 239 18.95 3.38 -14.88
CA ILE A 239 18.40 2.11 -14.42
C ILE A 239 19.52 1.11 -14.16
N GLU A 240 20.60 1.13 -14.99
CA GLU A 240 21.75 0.26 -14.79
C GLU A 240 22.42 0.57 -13.46
N LYS A 241 22.67 1.87 -13.17
CA LYS A 241 23.29 2.27 -11.91
C LYS A 241 22.39 1.83 -10.75
N LEU A 242 21.08 2.20 -10.82
CA LEU A 242 20.04 1.88 -9.84
C LEU A 242 20.01 0.40 -9.50
N MET A 243 19.95 -0.47 -10.53
CA MET A 243 19.85 -1.92 -10.33
C MET A 243 21.10 -2.53 -9.72
N GLU A 244 22.28 -2.06 -10.17
CA GLU A 244 23.58 -2.47 -9.67
C GLU A 244 23.60 -2.20 -8.17
N ALA A 245 23.04 -1.05 -7.74
CA ALA A 245 22.91 -0.67 -6.34
C ALA A 245 21.93 -1.59 -5.59
N LEU A 246 20.86 -2.04 -6.26
CA LEU A 246 19.86 -2.91 -5.65
C LEU A 246 20.28 -4.37 -5.51
N GLY A 247 21.17 -4.82 -6.40
CA GLY A 247 21.63 -6.21 -6.42
C GLY A 247 20.78 -7.03 -7.37
N ALA A 248 20.01 -6.31 -8.21
CA ALA A 248 19.09 -6.87 -9.21
C ALA A 248 19.83 -7.19 -10.51
N LYS A 249 19.43 -8.29 -11.14
CA LYS A 249 20.01 -8.79 -12.39
C LYS A 249 19.06 -8.56 -13.55
N LYS A 250 19.64 -8.13 -14.70
CA LYS A 250 18.96 -7.80 -15.96
C LYS A 250 18.58 -9.00 -16.79
N ARG A 251 17.28 -9.15 -17.04
CA ARG A 251 16.68 -10.17 -17.90
C ARG A 251 16.39 -9.46 -19.24
N LEU A 252 15.62 -10.10 -20.16
CA LEU A 252 15.34 -9.51 -21.48
C LEU A 252 14.44 -8.25 -21.48
N PHE A 253 13.35 -8.23 -20.68
CA PHE A 253 12.44 -7.08 -20.64
C PHE A 253 12.24 -6.48 -19.25
N ASP A 254 12.88 -7.08 -18.23
CA ASP A 254 12.80 -6.63 -16.85
C ASP A 254 14.11 -6.93 -16.10
N TYR A 255 14.14 -6.60 -14.80
CA TYR A 255 15.16 -6.82 -13.82
C TYR A 255 14.53 -7.62 -12.69
N VAL A 256 15.27 -8.58 -12.16
CA VAL A 256 14.78 -9.42 -11.07
C VAL A 256 15.75 -9.49 -9.92
N VAL A 257 15.24 -9.90 -8.78
CA VAL A 257 16.03 -10.22 -7.61
C VAL A 257 15.54 -11.60 -7.26
N LYS A 258 16.29 -12.31 -6.44
CA LYS A 258 15.89 -13.60 -5.87
C LYS A 258 14.75 -13.22 -4.92
N CYS A 259 13.62 -13.90 -4.96
CA CYS A 259 12.44 -13.54 -4.13
C CYS A 259 12.74 -13.34 -2.62
N ASN A 260 13.60 -14.21 -2.07
CA ASN A 260 14.04 -14.13 -0.68
C ASN A 260 14.76 -12.79 -0.36
N GLU A 261 15.37 -12.11 -1.37
CA GLU A 261 16.07 -10.86 -1.11
C GLU A 261 15.20 -9.59 -1.35
N GLY A 262 13.93 -9.77 -1.69
CA GLY A 262 12.99 -8.69 -1.95
C GLY A 262 12.70 -7.78 -0.76
N PRO A 263 12.26 -8.34 0.39
CA PRO A 263 11.90 -7.46 1.54
C PRO A 263 13.05 -6.62 2.14
N THR A 264 14.27 -7.13 1.97
CA THR A 264 15.54 -6.58 2.43
C THR A 264 16.03 -5.37 1.60
N LEU A 265 15.47 -5.12 0.40
CA LEU A 265 15.89 -4.06 -0.52
C LEU A 265 15.64 -2.66 0.02
N PRO A 266 16.51 -1.66 -0.33
CA PRO A 266 16.37 -0.32 0.26
C PRO A 266 15.25 0.55 -0.30
N ASP A 267 14.90 1.59 0.45
CA ASP A 267 13.90 2.58 0.04
C ASP A 267 14.44 3.34 -1.17
N ILE A 268 13.56 3.69 -2.11
CA ILE A 268 13.92 4.51 -3.27
C ILE A 268 13.17 5.82 -3.13
N SER A 269 13.90 6.94 -3.12
CA SER A 269 13.32 8.26 -2.95
C SER A 269 13.49 9.12 -4.16
N PHE A 270 12.55 10.06 -4.33
CA PHE A 270 12.48 10.95 -5.47
C PHE A 270 12.22 12.36 -4.98
N HIS A 271 13.24 13.21 -5.08
CA HIS A 271 13.09 14.59 -4.65
C HIS A 271 12.38 15.38 -5.76
N LEU A 272 11.11 15.78 -5.48
CA LEU A 272 10.21 16.51 -6.37
C LEU A 272 9.66 17.68 -5.60
N GLY A 273 9.91 18.88 -6.11
CA GLY A 273 9.51 20.10 -5.42
C GLY A 273 10.24 20.18 -4.08
N GLY A 274 9.51 20.57 -3.06
CA GLY A 274 10.08 20.62 -1.72
C GLY A 274 9.72 19.43 -0.87
N LYS A 275 9.61 18.23 -1.49
CA LYS A 275 9.26 17.00 -0.77
C LYS A 275 10.00 15.78 -1.30
N GLU A 276 10.26 14.81 -0.41
CA GLU A 276 10.89 13.53 -0.75
C GLU A 276 9.77 12.47 -0.85
N TYR A 277 9.62 11.85 -2.03
CA TYR A 277 8.62 10.83 -2.29
C TYR A 277 9.29 9.46 -2.26
N THR A 278 9.09 8.75 -1.14
CA THR A 278 9.75 7.48 -0.82
C THR A 278 8.86 6.27 -1.04
N LEU A 279 9.42 5.25 -1.70
CA LEU A 279 8.80 3.96 -1.97
C LEU A 279 9.68 2.94 -1.24
N THR A 280 9.05 1.99 -0.52
CA THR A 280 9.78 0.90 0.14
C THR A 280 9.79 -0.28 -0.84
N SER A 281 10.54 -1.35 -0.53
CA SER A 281 10.59 -2.54 -1.41
C SER A 281 9.20 -3.17 -1.65
N ALA A 282 8.28 -2.99 -0.69
CA ALA A 282 6.90 -3.46 -0.78
C ALA A 282 6.14 -2.68 -1.89
N ASP A 283 6.63 -1.48 -2.23
CA ASP A 283 6.01 -0.60 -3.21
C ASP A 283 6.57 -0.82 -4.61
N TYR A 284 7.72 -1.49 -4.75
CA TYR A 284 8.30 -1.66 -6.08
C TYR A 284 8.69 -3.11 -6.43
N VAL A 285 8.49 -4.08 -5.53
CA VAL A 285 8.81 -5.48 -5.83
C VAL A 285 7.51 -6.25 -5.96
N PHE A 286 7.37 -7.11 -7.01
CA PHE A 286 6.21 -7.99 -7.17
C PHE A 286 6.57 -9.25 -6.38
N GLN A 287 6.33 -9.18 -5.08
CA GLN A 287 6.62 -10.24 -4.11
C GLN A 287 5.68 -11.45 -4.30
N GLU A 288 5.87 -12.24 -5.37
CA GLU A 288 5.05 -13.42 -5.72
C GLU A 288 5.26 -14.57 -4.74
N SER A 289 6.46 -14.64 -4.15
CA SER A 289 6.91 -15.64 -3.15
C SER A 289 8.07 -15.05 -2.35
N TYR A 290 8.58 -15.82 -1.39
CA TYR A 290 9.72 -15.45 -0.54
C TYR A 290 10.84 -16.49 -0.72
N SER A 291 10.75 -17.27 -1.81
CA SER A 291 11.66 -18.35 -2.12
C SER A 291 13.01 -17.91 -2.63
N SER A 292 14.07 -18.59 -2.16
CA SER A 292 15.45 -18.42 -2.59
C SER A 292 15.65 -19.11 -3.97
N LYS A 293 14.67 -19.96 -4.36
CA LYS A 293 14.63 -20.75 -5.58
C LYS A 293 13.80 -20.07 -6.73
N LYS A 294 13.30 -18.85 -6.50
CA LYS A 294 12.48 -18.14 -7.48
C LYS A 294 12.90 -16.70 -7.70
N LEU A 295 12.60 -16.18 -8.91
CA LEU A 295 12.91 -14.80 -9.30
C LEU A 295 11.68 -13.90 -9.19
N CYS A 296 11.88 -12.69 -8.67
CA CYS A 296 10.84 -11.71 -8.45
C CYS A 296 11.14 -10.46 -9.25
N THR A 297 10.16 -9.97 -10.03
CA THR A 297 10.33 -8.80 -10.88
C THR A 297 10.13 -7.51 -10.08
N LEU A 298 10.70 -6.40 -10.58
CA LEU A 298 10.54 -5.07 -9.99
C LEU A 298 9.65 -4.22 -10.84
N ALA A 299 8.96 -3.25 -10.25
CA ALA A 299 8.07 -2.36 -10.99
C ALA A 299 8.81 -1.07 -11.48
N ILE A 300 10.08 -1.27 -11.85
CA ILE A 300 11.02 -0.26 -12.36
C ILE A 300 11.74 -0.92 -13.52
N HIS A 301 11.78 -0.26 -14.68
CA HIS A 301 12.45 -0.75 -15.90
C HIS A 301 13.11 0.41 -16.70
N ALA A 302 13.97 0.08 -17.66
CA ALA A 302 14.62 1.11 -18.47
C ALA A 302 13.75 1.48 -19.63
N MET A 303 13.73 2.78 -19.93
CA MET A 303 13.02 3.33 -21.07
C MET A 303 13.61 4.65 -21.49
N ASP A 304 14.20 4.65 -22.70
CA ASP A 304 14.81 5.84 -23.27
C ASP A 304 13.76 6.54 -24.10
N ILE A 305 13.12 7.53 -23.49
CA ILE A 305 12.09 8.34 -24.13
C ILE A 305 12.87 9.34 -25.00
N PRO A 306 12.52 9.45 -26.29
CA PRO A 306 13.28 10.36 -27.18
C PRO A 306 13.02 11.85 -26.93
N PRO A 307 13.95 12.74 -27.39
CA PRO A 307 13.67 14.19 -27.30
C PRO A 307 12.54 14.57 -28.29
N PRO A 308 11.83 15.70 -28.09
CA PRO A 308 12.03 16.76 -27.10
C PRO A 308 11.71 16.42 -25.64
N THR A 309 10.71 15.54 -25.42
CA THR A 309 10.24 15.10 -24.09
C THR A 309 11.38 14.47 -23.27
N GLY A 310 12.08 13.52 -23.88
CA GLY A 310 13.19 12.83 -23.25
C GLY A 310 14.58 13.41 -23.54
N PRO A 311 15.65 12.86 -22.95
CA PRO A 311 15.67 11.75 -21.97
C PRO A 311 14.96 12.22 -20.70
N THR A 312 14.16 11.32 -20.09
CA THR A 312 13.37 11.61 -18.88
C THR A 312 13.02 10.38 -18.11
N TRP A 313 12.76 10.55 -16.82
CA TRP A 313 12.23 9.47 -15.98
C TRP A 313 10.72 9.51 -16.23
N ALA A 314 10.04 8.41 -15.96
CA ALA A 314 8.59 8.34 -16.07
C ALA A 314 8.06 7.72 -14.79
N LEU A 315 7.19 8.47 -14.10
CA LEU A 315 6.55 8.00 -12.85
C LEU A 315 5.17 7.44 -13.19
N GLY A 316 5.13 6.12 -13.36
CA GLY A 316 3.91 5.38 -13.73
C GLY A 316 3.10 4.88 -12.56
N ALA A 317 2.34 3.77 -12.79
CA ALA A 317 1.43 3.22 -11.76
C ALA A 317 2.14 2.85 -10.45
N THR A 318 3.45 2.48 -10.48
CA THR A 318 4.23 2.15 -9.29
C THR A 318 4.23 3.36 -8.32
N PHE A 319 4.47 4.57 -8.88
CA PHE A 319 4.47 5.82 -8.14
C PHE A 319 3.07 6.25 -7.70
N ILE A 320 2.10 6.24 -8.63
CA ILE A 320 0.73 6.70 -8.38
C ILE A 320 -0.01 5.82 -7.34
N ARG A 321 0.38 4.54 -7.22
CA ARG A 321 -0.24 3.69 -6.19
C ARG A 321 0.03 4.26 -4.81
N LYS A 322 1.28 4.69 -4.58
CA LYS A 322 1.68 5.26 -3.29
C LYS A 322 1.12 6.70 -3.14
N PHE A 323 1.15 7.49 -4.24
CA PHE A 323 0.76 8.90 -4.20
C PHE A 323 -0.40 9.27 -5.12
N TYR A 324 -1.55 9.63 -4.52
CA TYR A 324 -2.75 10.17 -5.21
C TYR A 324 -2.27 11.40 -6.01
N THR A 325 -2.62 11.47 -7.31
CA THR A 325 -2.14 12.54 -8.19
C THR A 325 -3.24 13.45 -8.77
N GLU A 326 -3.05 14.76 -8.69
CA GLU A 326 -3.97 15.76 -9.26
C GLU A 326 -3.23 16.52 -10.37
N PHE A 327 -3.86 16.60 -11.55
CA PHE A 327 -3.31 17.26 -12.73
C PHE A 327 -4.14 18.53 -12.93
N ASP A 328 -3.49 19.65 -12.64
CA ASP A 328 -4.07 20.97 -12.66
C ASP A 328 -3.79 21.71 -13.96
N ARG A 329 -4.80 21.78 -14.86
CA ARG A 329 -4.67 22.47 -16.15
C ARG A 329 -4.73 23.99 -15.98
N ARG A 330 -5.49 24.47 -14.98
CA ARG A 330 -5.63 25.89 -14.68
C ARG A 330 -4.29 26.54 -14.27
N ASN A 331 -3.49 25.85 -13.44
CA ASN A 331 -2.25 26.41 -12.93
C ASN A 331 -0.98 25.75 -13.45
N ASN A 332 -1.09 24.88 -14.46
CA ASN A 332 0.02 24.10 -15.05
C ASN A 332 0.94 23.51 -13.99
N ARG A 333 0.37 22.63 -13.15
CA ARG A 333 1.08 21.98 -12.05
C ARG A 333 0.47 20.60 -11.73
N ILE A 334 1.22 19.76 -11.00
CA ILE A 334 0.82 18.44 -10.55
C ILE A 334 0.89 18.42 -9.02
N GLY A 335 -0.19 17.98 -8.37
CA GLY A 335 -0.25 17.84 -6.93
C GLY A 335 -0.17 16.39 -6.50
N PHE A 336 0.53 16.10 -5.38
CA PHE A 336 0.64 14.74 -4.84
C PHE A 336 0.26 14.68 -3.38
N ALA A 337 -0.47 13.66 -3.00
CA ALA A 337 -0.81 13.42 -1.61
C ALA A 337 -0.71 11.93 -1.38
N LEU A 338 -0.52 11.52 -0.13
CA LEU A 338 -0.42 10.12 0.23
C LEU A 338 -1.78 9.43 -0.01
N ALA A 339 -1.78 8.36 -0.84
CA ALA A 339 -3.01 7.63 -1.17
C ALA A 339 -3.53 6.83 0.04
N ARG A 340 -4.82 6.91 0.24
CA ARG A 340 -5.58 6.30 1.32
C ARG A 340 -6.34 5.10 0.73
N LEU B 1 -10.70 16.51 26.77
CA LEU B 1 -10.50 15.90 25.45
C LEU B 1 -11.29 16.63 24.34
N THR B 2 -10.57 16.94 23.23
CA THR B 2 -11.12 17.61 22.03
C THR B 2 -11.19 16.60 20.86
N LEU B 3 -12.32 16.63 20.13
CA LEU B 3 -12.54 15.75 18.97
C LEU B 3 -12.66 16.59 17.70
N GLY B 4 -11.97 16.14 16.65
CA GLY B 4 -11.98 16.81 15.35
C GLY B 4 -12.84 16.09 14.35
N ASN B 5 -12.44 16.17 13.07
CA ASN B 5 -13.15 15.55 11.95
C ASN B 5 -12.16 14.77 11.05
N THR B 6 -11.04 14.30 11.66
CA THR B 6 -9.99 13.63 10.90
C THR B 6 -9.77 12.18 11.32
N THR B 7 -9.41 11.36 10.31
CA THR B 7 -8.94 9.97 10.44
C THR B 7 -7.64 9.87 9.64
N SER B 8 -6.70 9.01 10.07
CA SER B 8 -5.42 8.79 9.36
C SER B 8 -5.16 7.31 9.17
N SER B 9 -4.93 6.88 7.93
CA SER B 9 -4.66 5.46 7.70
C SER B 9 -3.22 5.18 7.33
N VAL B 10 -2.67 4.08 7.85
CA VAL B 10 -1.35 3.61 7.47
C VAL B 10 -1.50 2.23 6.82
N ILE B 11 -1.02 2.10 5.57
CA ILE B 11 -1.01 0.82 4.86
C ILE B 11 0.12 -0.05 5.45
N LEU B 12 -0.14 -1.34 5.67
CA LEU B 12 0.83 -2.26 6.25
C LEU B 12 1.30 -3.33 5.27
N THR B 13 2.49 -3.84 5.54
CA THR B 13 3.11 -4.91 4.80
C THR B 13 2.95 -6.19 5.60
N ASN B 14 2.46 -7.25 4.96
CA ASN B 14 2.31 -8.55 5.58
C ASN B 14 3.50 -9.40 5.16
N TYR B 15 4.42 -9.65 6.10
CA TYR B 15 5.55 -10.53 5.85
C TYR B 15 5.27 -11.92 6.43
N MET B 16 5.01 -12.94 5.53
CA MET B 16 4.80 -14.35 5.82
C MET B 16 3.71 -14.67 6.83
N ASP B 17 2.74 -13.77 7.02
CA ASP B 17 1.69 -13.90 8.03
C ASP B 17 2.22 -13.83 9.46
N THR B 18 3.52 -13.50 9.66
CA THR B 18 4.14 -13.37 10.99
C THR B 18 4.49 -11.95 11.38
N GLN B 19 4.82 -11.08 10.44
CA GLN B 19 5.19 -9.69 10.76
C GLN B 19 4.38 -8.74 9.93
N TYR B 20 3.78 -7.72 10.57
CA TYR B 20 2.96 -6.67 9.93
C TYR B 20 3.54 -5.32 10.30
N TYR B 21 3.90 -4.50 9.30
CA TYR B 21 4.55 -3.22 9.61
C TYR B 21 4.23 -2.15 8.59
N GLY B 22 4.15 -0.92 9.05
CA GLY B 22 3.87 0.24 8.22
C GLY B 22 4.98 1.25 8.23
N GLU B 23 4.79 2.36 7.56
CA GLU B 23 5.81 3.38 7.51
C GLU B 23 5.45 4.61 8.32
N ILE B 24 6.47 5.22 8.96
CA ILE B 24 6.44 6.51 9.68
C ILE B 24 7.65 7.33 9.20
N GLY B 25 7.54 8.64 9.35
CA GLY B 25 8.62 9.57 9.03
C GLY B 25 9.08 10.29 10.29
N ILE B 26 10.39 10.41 10.49
CA ILE B 26 10.92 11.10 11.67
C ILE B 26 11.87 12.21 11.23
N GLY B 27 11.60 13.42 11.70
CA GLY B 27 12.43 14.58 11.44
C GLY B 27 12.03 15.46 10.27
N THR B 28 12.83 16.53 10.05
CA THR B 28 12.68 17.49 8.96
C THR B 28 14.01 17.58 8.21
N PRO B 29 14.10 17.05 6.95
CA PRO B 29 13.06 16.34 6.19
C PRO B 29 12.79 14.94 6.80
N PRO B 30 11.61 14.31 6.54
CA PRO B 30 11.36 12.98 7.14
C PRO B 30 12.29 11.87 6.68
N GLN B 31 12.76 11.06 7.66
CA GLN B 31 13.56 9.85 7.49
C GLN B 31 12.52 8.76 7.73
N THR B 32 12.39 7.82 6.77
CA THR B 32 11.34 6.80 6.84
C THR B 32 11.80 5.48 7.44
N PHE B 33 10.95 4.91 8.30
CA PHE B 33 11.20 3.66 8.99
C PHE B 33 10.01 2.78 8.87
N LYS B 34 10.25 1.47 8.79
CA LYS B 34 9.22 0.42 8.80
C LYS B 34 9.04 0.09 10.30
N VAL B 35 7.83 0.30 10.84
CA VAL B 35 7.55 0.08 12.27
C VAL B 35 6.36 -0.90 12.52
N VAL B 36 6.41 -1.58 13.66
CA VAL B 36 5.34 -2.44 14.12
C VAL B 36 4.47 -1.55 15.04
N PHE B 37 3.14 -1.54 14.80
CA PHE B 37 2.23 -0.78 15.65
C PHE B 37 1.77 -1.82 16.64
N ASP B 38 2.33 -1.75 17.87
CA ASP B 38 2.20 -2.76 18.92
C ASP B 38 1.36 -2.32 20.12
N THR B 39 0.19 -2.97 20.32
CA THR B 39 -0.71 -2.66 21.44
C THR B 39 -0.23 -3.28 22.77
N GLY B 40 0.75 -4.17 22.69
CA GLY B 40 1.36 -4.83 23.84
C GLY B 40 2.48 -4.03 24.48
N SER B 41 2.84 -2.84 23.90
CA SER B 41 3.89 -1.93 24.39
C SER B 41 3.56 -0.46 24.17
N SER B 42 4.23 0.48 24.88
CA SER B 42 3.84 1.90 24.84
C SER B 42 4.93 2.87 24.46
N ASN B 43 6.09 2.37 24.01
CA ASN B 43 7.20 3.23 23.60
C ASN B 43 7.38 3.24 22.09
N VAL B 44 7.93 4.37 21.58
CA VAL B 44 8.29 4.53 20.18
C VAL B 44 9.79 4.43 20.14
N TRP B 45 10.34 3.60 19.24
CA TRP B 45 11.77 3.46 19.09
C TRP B 45 12.15 3.05 17.68
N VAL B 46 13.29 3.55 17.19
CA VAL B 46 13.86 3.21 15.87
C VAL B 46 15.37 2.95 16.03
N PRO B 47 16.07 2.18 15.15
CA PRO B 47 17.53 2.06 15.32
C PRO B 47 18.22 3.41 15.08
N SER B 48 19.31 3.67 15.85
CA SER B 48 20.05 4.94 15.78
C SER B 48 21.28 4.88 14.89
N SER B 49 21.71 6.05 14.36
CA SER B 49 22.95 6.20 13.59
C SER B 49 24.13 5.96 14.57
N LYS B 50 23.89 6.25 15.86
CA LYS B 50 24.85 6.05 16.95
C LYS B 50 24.97 4.58 17.38
N CYS B 51 24.40 3.66 16.57
CA CYS B 51 24.47 2.24 16.84
C CYS B 51 25.77 1.67 16.25
N SER B 52 26.50 0.89 17.08
CA SER B 52 27.77 0.23 16.73
C SER B 52 27.53 -0.82 15.63
N ARG B 53 28.27 -0.72 14.51
CA ARG B 53 28.16 -1.62 13.36
C ARG B 53 28.59 -3.07 13.67
N LEU B 54 28.96 -3.32 14.95
CA LEU B 54 29.29 -4.64 15.49
C LEU B 54 27.98 -5.41 15.73
N TYR B 55 26.84 -4.67 15.98
CA TYR B 55 25.48 -5.22 16.05
C TYR B 55 25.07 -5.39 14.61
N THR B 56 25.01 -6.66 14.17
CA THR B 56 24.66 -7.08 12.80
C THR B 56 23.24 -6.63 12.45
N ALA B 57 22.40 -6.38 13.48
CA ALA B 57 21.02 -5.90 13.34
C ALA B 57 21.01 -4.46 12.78
N CYS B 58 21.87 -3.59 13.33
CA CYS B 58 22.01 -2.19 12.93
C CYS B 58 22.57 -2.01 11.53
N VAL B 59 23.35 -2.99 11.05
CA VAL B 59 23.87 -2.97 9.68
C VAL B 59 22.73 -3.30 8.71
N TYR B 60 21.74 -4.09 9.17
CA TYR B 60 20.63 -4.54 8.34
C TYR B 60 19.32 -3.71 8.46
N HIS B 61 19.29 -2.62 9.26
CA HIS B 61 18.10 -1.77 9.39
C HIS B 61 18.38 -0.30 9.13
N LYS B 62 17.33 0.48 8.81
CA LYS B 62 17.42 1.93 8.61
C LYS B 62 17.73 2.59 9.96
N LEU B 63 18.68 3.53 9.98
CA LEU B 63 19.05 4.22 11.21
C LEU B 63 18.73 5.69 11.21
N PHE B 64 18.21 6.19 12.32
CA PHE B 64 17.89 7.60 12.49
C PHE B 64 19.16 8.39 12.77
N ASP B 65 19.38 9.42 11.96
CA ASP B 65 20.48 10.36 12.09
C ASP B 65 19.90 11.75 12.42
N ALA B 66 20.05 12.16 13.69
CA ALA B 66 19.58 13.44 14.23
C ALA B 66 20.26 14.67 13.61
N SER B 67 21.51 14.49 13.12
CA SER B 67 22.32 15.52 12.45
C SER B 67 21.68 15.97 11.13
N ASP B 68 20.74 15.16 10.59
CA ASP B 68 20.05 15.46 9.34
C ASP B 68 18.67 16.06 9.58
N SER B 69 18.27 16.18 10.84
CA SER B 69 16.97 16.73 11.16
C SER B 69 17.05 18.09 11.83
N SER B 70 16.32 19.06 11.26
CA SER B 70 16.29 20.44 11.76
C SER B 70 15.28 20.63 12.89
N SER B 71 14.43 19.62 13.13
CA SER B 71 13.38 19.65 14.16
C SER B 71 13.75 18.82 15.41
N TYR B 72 14.91 18.17 15.37
CA TYR B 72 15.40 17.34 16.47
C TYR B 72 15.73 18.15 17.69
N LYS B 73 15.31 17.67 18.86
CA LYS B 73 15.58 18.25 20.16
C LYS B 73 16.18 17.17 21.01
N HIS B 74 17.38 17.44 21.53
CA HIS B 74 18.14 16.54 22.39
C HIS B 74 17.44 16.28 23.74
N ASN B 75 17.65 15.07 24.30
CA ASN B 75 17.25 14.68 25.64
C ASN B 75 18.39 13.84 26.23
N GLY B 76 18.65 12.68 25.64
CA GLY B 76 19.76 11.82 26.03
C GLY B 76 19.56 10.84 27.17
N THR B 77 18.41 10.92 27.90
CA THR B 77 18.09 10.00 29.02
C THR B 77 18.17 8.56 28.54
N GLU B 78 18.89 7.69 29.27
CA GLU B 78 19.03 6.29 28.92
C GLU B 78 17.66 5.61 28.96
N LEU B 79 17.47 4.60 28.09
CA LEU B 79 16.22 3.86 27.94
C LEU B 79 16.55 2.40 27.65
N THR B 80 15.90 1.48 28.40
CA THR B 80 16.04 0.03 28.21
C THR B 80 14.64 -0.58 28.10
N LEU B 81 14.38 -1.22 26.95
CA LEU B 81 13.12 -1.87 26.66
C LEU B 81 13.38 -3.35 26.60
N ARG B 82 12.91 -4.05 27.63
CA ARG B 82 13.07 -5.48 27.82
C ARG B 82 11.78 -6.15 27.36
N TYR B 83 11.85 -6.93 26.29
CA TYR B 83 10.71 -7.70 25.81
C TYR B 83 11.05 -9.13 26.18
N SER B 84 10.02 -10.01 26.30
CA SER B 84 10.24 -11.43 26.61
C SER B 84 10.96 -12.12 25.43
N THR B 85 10.94 -11.50 24.24
CA THR B 85 11.56 -11.96 22.99
C THR B 85 13.03 -11.56 22.89
N GLY B 86 13.39 -10.40 23.45
CA GLY B 86 14.73 -9.82 23.42
C GLY B 86 14.74 -8.42 24.02
N THR B 87 15.93 -7.90 24.39
CA THR B 87 16.08 -6.57 24.99
C THR B 87 16.78 -5.58 24.05
N VAL B 88 16.37 -4.32 24.12
CA VAL B 88 16.93 -3.22 23.35
C VAL B 88 17.20 -2.05 24.29
N SER B 89 18.19 -1.23 23.93
CA SER B 89 18.55 -0.04 24.71
C SER B 89 19.16 1.05 23.85
N GLY B 90 19.00 2.27 24.33
CA GLY B 90 19.48 3.46 23.68
C GLY B 90 19.17 4.64 24.57
N PHE B 91 18.73 5.73 23.95
CA PHE B 91 18.47 6.96 24.68
C PHE B 91 17.31 7.74 24.06
N LEU B 92 16.67 8.61 24.86
CA LEU B 92 15.52 9.39 24.43
C LEU B 92 15.90 10.61 23.64
N SER B 93 15.13 10.86 22.58
CA SER B 93 15.26 12.01 21.68
C SER B 93 13.85 12.51 21.35
N GLN B 94 13.76 13.74 20.88
CA GLN B 94 12.49 14.30 20.46
C GLN B 94 12.63 14.81 19.04
N ASP B 95 11.57 14.58 18.24
CA ASP B 95 11.44 15.05 16.87
C ASP B 95 9.95 14.99 16.44
N ILE B 96 9.68 15.42 15.20
CA ILE B 96 8.35 15.36 14.62
C ILE B 96 8.22 14.03 13.87
N ILE B 97 7.17 13.26 14.23
CA ILE B 97 6.82 11.98 13.62
C ILE B 97 5.59 12.15 12.73
N THR B 98 5.69 11.67 11.48
CA THR B 98 4.61 11.69 10.51
C THR B 98 4.05 10.28 10.42
N VAL B 99 2.77 10.16 10.75
CA VAL B 99 2.02 8.91 10.71
C VAL B 99 0.71 9.16 9.92
N GLY B 100 0.69 8.62 8.70
CA GLY B 100 -0.37 8.82 7.72
C GLY B 100 -0.41 10.28 7.30
N GLY B 101 -1.52 10.95 7.55
CA GLY B 101 -1.61 12.38 7.25
C GLY B 101 -1.47 13.25 8.48
N ILE B 102 -0.87 12.68 9.54
CA ILE B 102 -0.74 13.36 10.84
C ILE B 102 0.73 13.58 11.22
N THR B 103 0.99 14.79 11.71
CA THR B 103 2.30 15.26 12.16
C THR B 103 2.21 15.51 13.68
N VAL B 104 3.03 14.79 14.46
CA VAL B 104 3.03 14.91 15.93
C VAL B 104 4.44 15.10 16.49
N THR B 105 4.59 15.94 17.55
CA THR B 105 5.87 16.14 18.22
C THR B 105 5.96 14.98 19.22
N GLN B 106 7.02 14.14 19.10
CA GLN B 106 7.12 12.93 19.91
C GLN B 106 8.51 12.64 20.43
N MET B 107 8.55 12.14 21.67
CA MET B 107 9.74 11.65 22.38
C MET B 107 9.82 10.15 22.05
N PHE B 108 10.98 9.71 21.56
CA PHE B 108 11.19 8.32 21.18
C PHE B 108 12.60 7.88 21.56
N GLY B 109 12.84 6.59 21.53
CA GLY B 109 14.15 6.03 21.81
C GLY B 109 14.96 5.84 20.55
N GLU B 110 16.24 6.21 20.63
CA GLU B 110 17.23 6.02 19.57
C GLU B 110 18.02 4.81 20.06
N VAL B 111 17.74 3.63 19.50
CA VAL B 111 18.32 2.36 19.92
C VAL B 111 19.76 2.21 19.41
N THR B 112 20.68 1.93 20.36
CA THR B 112 22.11 1.77 20.11
C THR B 112 22.59 0.32 20.37
N GLU B 113 21.75 -0.49 21.03
CA GLU B 113 22.04 -1.91 21.31
C GLU B 113 20.84 -2.71 20.83
N MET B 114 21.07 -3.45 19.72
CA MET B 114 20.10 -4.25 18.98
C MET B 114 20.61 -5.69 18.76
N PRO B 115 20.18 -6.67 19.59
CA PRO B 115 20.68 -8.05 19.40
C PRO B 115 20.14 -8.80 18.18
N ALA B 116 21.00 -9.59 17.49
CA ALA B 116 20.64 -10.42 16.33
C ALA B 116 19.41 -11.28 16.64
N LEU B 117 19.29 -11.73 17.88
CA LEU B 117 18.12 -12.47 18.30
C LEU B 117 17.22 -11.53 19.11
N PRO B 118 16.04 -11.15 18.55
CA PRO B 118 15.45 -11.58 17.26
C PRO B 118 15.46 -10.53 16.12
N PHE B 119 16.22 -9.42 16.28
CA PHE B 119 16.21 -8.29 15.33
C PHE B 119 16.90 -8.53 13.99
N MET B 120 17.59 -9.67 13.80
CA MET B 120 18.14 -9.99 12.49
C MET B 120 17.04 -10.62 11.65
N LEU B 121 15.99 -11.14 12.34
CA LEU B 121 14.82 -11.80 11.75
C LEU B 121 13.73 -10.76 11.43
N ALA B 122 13.86 -9.57 12.03
CA ALA B 122 12.92 -8.47 11.87
C ALA B 122 13.00 -7.81 10.50
N GLU B 123 11.84 -7.62 9.86
CA GLU B 123 11.68 -6.97 8.56
C GLU B 123 11.39 -5.50 8.76
N PHE B 124 10.93 -5.18 9.94
CA PHE B 124 10.66 -3.83 10.42
C PHE B 124 11.93 -3.33 11.07
N ASP B 125 12.08 -1.99 11.16
CA ASP B 125 13.23 -1.33 11.80
C ASP B 125 12.99 -1.09 13.26
N GLY B 126 11.82 -0.54 13.59
CA GLY B 126 11.45 -0.20 14.95
C GLY B 126 10.02 -0.54 15.37
N VAL B 127 9.57 0.11 16.45
CA VAL B 127 8.28 -0.14 17.09
C VAL B 127 7.58 1.16 17.46
N VAL B 128 6.27 1.21 17.27
CA VAL B 128 5.40 2.31 17.68
C VAL B 128 4.42 1.67 18.67
N GLY B 129 4.62 1.96 19.96
CA GLY B 129 3.79 1.43 21.03
C GLY B 129 2.44 2.08 21.06
N MET B 130 1.38 1.24 20.99
CA MET B 130 -0.02 1.71 20.96
C MET B 130 -0.70 1.48 22.31
N GLY B 131 0.09 1.04 23.28
CA GLY B 131 -0.35 0.81 24.65
C GLY B 131 -0.54 2.11 25.43
N PHE B 132 -0.76 1.97 26.75
CA PHE B 132 -1.03 3.10 27.65
C PHE B 132 0.22 3.60 28.36
N ILE B 133 0.20 4.90 28.80
CA ILE B 133 1.30 5.54 29.53
C ILE B 133 1.77 4.71 30.74
N GLU B 134 0.84 4.00 31.42
CA GLU B 134 1.12 3.11 32.55
C GLU B 134 2.18 2.04 32.24
N GLN B 135 2.30 1.63 30.97
CA GLN B 135 3.28 0.59 30.56
C GLN B 135 4.48 1.19 29.80
N ALA B 136 4.58 2.52 29.79
CA ALA B 136 5.66 3.23 29.11
C ALA B 136 6.89 3.38 30.00
N ILE B 137 8.04 2.93 29.50
CA ILE B 137 9.33 3.00 30.18
C ILE B 137 9.77 4.47 30.18
N GLY B 138 10.16 4.94 31.37
CA GLY B 138 10.53 6.33 31.61
C GLY B 138 9.31 7.23 31.68
N ARG B 139 8.10 6.63 31.68
CA ARG B 139 6.79 7.29 31.69
C ARG B 139 6.68 8.35 30.60
N VAL B 140 7.16 7.98 29.40
CA VAL B 140 7.17 8.82 28.21
C VAL B 140 5.77 8.75 27.62
N THR B 141 5.19 9.91 27.27
CA THR B 141 3.85 9.97 26.68
C THR B 141 3.78 9.12 25.40
N PRO B 142 2.84 8.14 25.29
CA PRO B 142 2.74 7.37 24.04
C PRO B 142 2.21 8.27 22.90
N ILE B 143 2.56 7.91 21.66
CA ILE B 143 2.22 8.66 20.45
C ILE B 143 0.71 8.90 20.30
N PHE B 144 -0.15 7.89 20.61
CA PHE B 144 -1.61 8.07 20.50
C PHE B 144 -2.12 9.14 21.46
N ASP B 145 -1.58 9.17 22.70
CA ASP B 145 -1.90 10.19 23.72
C ASP B 145 -1.55 11.60 23.20
N ASN B 146 -0.39 11.74 22.52
CA ASN B 146 -0.01 13.00 21.91
C ASN B 146 -0.89 13.36 20.70
N ILE B 147 -1.34 12.34 19.93
CA ILE B 147 -2.23 12.56 18.78
C ILE B 147 -3.63 13.01 19.29
N ILE B 148 -4.15 12.34 20.36
CA ILE B 148 -5.42 12.69 21.01
C ILE B 148 -5.35 14.17 21.40
N SER B 149 -4.27 14.57 22.14
CA SER B 149 -4.04 15.95 22.61
C SER B 149 -4.24 17.01 21.53
N GLN B 150 -3.94 16.68 20.26
CA GLN B 150 -4.07 17.61 19.14
C GLN B 150 -5.53 17.95 18.80
N GLY B 151 -6.48 17.17 19.30
CA GLY B 151 -7.91 17.37 19.10
C GLY B 151 -8.32 17.45 17.65
N VAL B 152 -7.73 16.57 16.84
CA VAL B 152 -7.93 16.53 15.41
C VAL B 152 -8.69 15.25 14.96
N LEU B 153 -8.65 14.17 15.78
CA LEU B 153 -9.28 12.89 15.46
C LEU B 153 -10.80 12.89 15.65
N LYS B 154 -11.52 12.25 14.70
CA LYS B 154 -12.98 12.14 14.74
C LYS B 154 -13.46 11.41 16.02
N GLU B 155 -12.71 10.37 16.43
CA GLU B 155 -12.94 9.56 17.63
C GLU B 155 -11.63 9.21 18.25
N ASP B 156 -11.63 9.03 19.56
CA ASP B 156 -10.46 8.68 20.35
C ASP B 156 -10.29 7.14 20.34
N VAL B 157 -10.18 6.59 19.10
CA VAL B 157 -10.06 5.15 18.80
C VAL B 157 -9.06 4.88 17.65
N PHE B 158 -8.55 3.64 17.55
CA PHE B 158 -7.70 3.20 16.42
C PHE B 158 -8.03 1.78 16.06
N SER B 159 -7.90 1.43 14.75
CA SER B 159 -8.32 0.12 14.23
C SER B 159 -7.27 -0.60 13.45
N PHE B 160 -7.27 -1.95 13.58
CA PHE B 160 -6.37 -2.85 12.88
C PHE B 160 -7.07 -3.84 12.02
N TYR B 161 -6.54 -3.95 10.79
CA TYR B 161 -6.89 -4.93 9.76
C TYR B 161 -5.58 -5.62 9.37
N TYR B 162 -5.52 -6.93 9.49
CA TYR B 162 -4.38 -7.76 9.09
C TYR B 162 -4.93 -8.75 8.05
N ASN B 163 -4.41 -8.72 6.83
CA ASN B 163 -4.86 -9.60 5.75
C ASN B 163 -4.08 -10.92 5.77
N ARG B 164 -4.57 -11.92 5.01
CA ARG B 164 -3.97 -13.23 4.77
C ARG B 164 -2.97 -12.99 3.61
N ASP B 165 -1.78 -13.58 3.68
CA ASP B 165 -0.69 -13.40 2.71
C ASP B 165 -1.03 -13.76 1.26
N SER B 166 -0.28 -13.13 0.30
CA SER B 166 -0.39 -13.29 -1.16
C SER B 166 0.86 -14.01 -1.69
N GLN B 170 0.61 -7.34 -5.20
CA GLN B 170 -0.26 -8.52 -5.21
C GLN B 170 -1.58 -8.29 -4.49
N SER B 171 -1.51 -7.66 -3.26
CA SER B 171 -2.62 -7.32 -2.33
C SER B 171 -2.16 -6.48 -1.12
N LEU B 172 -3.12 -5.86 -0.40
CA LEU B 172 -2.89 -5.04 0.79
C LEU B 172 -2.49 -5.95 1.95
N GLY B 173 -1.38 -5.65 2.61
CA GLY B 173 -0.92 -6.44 3.75
C GLY B 173 -1.77 -6.24 5.00
N GLY B 174 -2.25 -5.02 5.17
CA GLY B 174 -3.06 -4.65 6.32
C GLY B 174 -3.26 -3.16 6.33
N GLN B 175 -3.93 -2.66 7.38
CA GLN B 175 -4.24 -1.24 7.54
C GLN B 175 -4.55 -0.87 9.00
N ILE B 176 -4.02 0.28 9.44
CA ILE B 176 -4.28 0.89 10.75
C ILE B 176 -5.00 2.18 10.44
N VAL B 177 -6.16 2.39 11.07
CA VAL B 177 -6.92 3.64 10.97
C VAL B 177 -6.80 4.30 12.35
N LEU B 178 -6.35 5.55 12.38
CA LEU B 178 -6.30 6.37 13.62
C LEU B 178 -7.51 7.32 13.60
N GLY B 179 -8.32 7.29 14.64
CA GLY B 179 -9.53 8.11 14.75
C GLY B 179 -10.82 7.46 14.29
N GLY B 180 -10.75 6.18 13.91
CA GLY B 180 -11.92 5.45 13.44
C GLY B 180 -11.60 4.05 12.99
N SER B 181 -12.41 3.54 12.04
CA SER B 181 -12.35 2.19 11.46
C SER B 181 -12.73 2.24 9.96
N ASP B 182 -12.29 1.25 9.17
CA ASP B 182 -12.61 1.17 7.74
C ASP B 182 -13.63 0.06 7.49
N PRO B 183 -14.89 0.43 7.13
CA PRO B 183 -15.94 -0.58 6.92
C PRO B 183 -15.71 -1.49 5.73
N GLN B 184 -14.84 -1.09 4.79
CA GLN B 184 -14.49 -1.94 3.64
C GLN B 184 -13.72 -3.22 4.09
N HIS B 185 -13.19 -3.25 5.35
CA HIS B 185 -12.42 -4.37 5.87
C HIS B 185 -13.12 -5.17 6.96
N TYR B 186 -14.41 -4.90 7.24
CA TYR B 186 -15.19 -5.74 8.15
C TYR B 186 -16.65 -5.89 7.69
N GLU B 187 -17.28 -6.97 8.19
CA GLU B 187 -18.67 -7.34 7.96
C GLU B 187 -19.45 -7.03 9.20
N GLY B 188 -20.61 -6.42 9.00
CA GLY B 188 -21.55 -6.13 10.08
C GLY B 188 -21.09 -5.12 11.12
N ASN B 189 -21.51 -5.35 12.36
CA ASN B 189 -21.25 -4.43 13.49
C ASN B 189 -20.35 -5.01 14.55
N PHE B 190 -19.65 -4.10 15.21
CA PHE B 190 -18.74 -4.39 16.29
C PHE B 190 -19.49 -4.83 17.54
N HIS B 191 -18.94 -5.77 18.27
CA HIS B 191 -19.37 -6.12 19.61
C HIS B 191 -18.10 -5.80 20.43
N TYR B 192 -18.26 -5.13 21.56
CA TYR B 192 -17.18 -4.69 22.45
C TYR B 192 -17.08 -5.49 23.72
N ILE B 193 -15.88 -5.48 24.32
CA ILE B 193 -15.54 -6.14 25.57
C ILE B 193 -14.74 -5.09 26.32
N ASN B 194 -15.17 -4.73 27.56
CA ASN B 194 -14.47 -3.70 28.34
C ASN B 194 -13.17 -4.22 28.92
N LEU B 195 -12.18 -3.32 29.02
CA LEU B 195 -10.89 -3.68 29.61
C LEU B 195 -11.09 -3.96 31.10
N ILE B 196 -10.31 -4.88 31.66
CA ILE B 196 -10.38 -5.21 33.08
C ILE B 196 -10.01 -3.95 33.89
N LYS B 197 -8.88 -3.35 33.54
CA LYS B 197 -8.38 -2.12 34.11
C LYS B 197 -7.72 -1.33 32.99
N THR B 198 -7.79 0.00 33.07
CA THR B 198 -7.08 0.90 32.16
C THR B 198 -5.55 0.70 32.34
N GLY B 199 -4.77 1.04 31.32
CA GLY B 199 -3.33 0.90 31.37
C GLY B 199 -2.78 -0.26 30.56
N VAL B 200 -3.63 -1.24 30.23
CA VAL B 200 -3.25 -2.44 29.45
C VAL B 200 -4.44 -2.86 28.57
N TRP B 201 -4.18 -3.28 27.32
CA TRP B 201 -5.21 -3.73 26.36
C TRP B 201 -5.52 -5.20 26.60
N GLN B 202 -5.93 -5.50 27.84
CA GLN B 202 -6.22 -6.84 28.33
C GLN B 202 -7.67 -6.89 28.78
N ILE B 203 -8.35 -7.96 28.37
CA ILE B 203 -9.76 -8.24 28.63
C ILE B 203 -9.89 -9.61 29.29
N GLN B 204 -11.06 -9.88 29.85
CA GLN B 204 -11.37 -11.14 30.53
C GLN B 204 -11.87 -12.14 29.49
N MET B 205 -11.36 -13.38 29.56
CA MET B 205 -11.77 -14.49 28.70
C MET B 205 -12.54 -15.51 29.55
N LYS B 206 -13.72 -15.91 29.10
CA LYS B 206 -14.59 -16.81 29.87
C LYS B 206 -14.40 -18.31 29.57
N GLY B 207 -13.64 -18.64 28.54
CA GLY B 207 -13.40 -20.03 28.14
C GLY B 207 -12.84 -20.18 26.75
N VAL B 208 -12.02 -21.23 26.55
CA VAL B 208 -11.38 -21.61 25.27
C VAL B 208 -11.90 -23.00 24.94
N SER B 209 -12.68 -23.11 23.85
CA SER B 209 -13.32 -24.36 23.41
C SER B 209 -12.65 -25.03 22.23
N VAL B 210 -12.48 -26.36 22.35
CA VAL B 210 -11.97 -27.20 21.28
C VAL B 210 -13.16 -28.09 20.87
N GLY B 211 -13.75 -27.78 19.73
CA GLY B 211 -14.90 -28.49 19.22
C GLY B 211 -16.20 -27.83 19.62
N SER B 212 -16.86 -28.38 20.65
CA SER B 212 -18.14 -27.88 21.17
C SER B 212 -18.17 -27.76 22.70
N SER B 213 -17.03 -28.10 23.36
CA SER B 213 -16.87 -28.10 24.82
C SER B 213 -15.77 -27.16 25.32
N THR B 214 -16.05 -26.35 26.38
CA THR B 214 -15.07 -25.46 27.01
C THR B 214 -14.02 -26.32 27.71
N LEU B 215 -12.98 -26.67 26.95
CA LEU B 215 -11.88 -27.52 27.36
C LEU B 215 -10.91 -26.76 28.28
N LEU B 216 -10.65 -25.48 27.96
CA LEU B 216 -9.68 -24.64 28.69
C LEU B 216 -10.32 -23.36 29.22
N CYS B 217 -9.61 -22.68 30.18
CA CYS B 217 -10.00 -21.38 30.75
C CYS B 217 -11.45 -21.46 31.36
N GLU B 218 -11.77 -22.64 31.97
CA GLU B 218 -13.08 -22.98 32.56
C GLU B 218 -13.46 -22.03 33.67
N ASP B 219 -12.50 -21.70 34.56
CA ASP B 219 -12.74 -20.80 35.69
C ASP B 219 -12.38 -19.35 35.38
N GLY B 220 -12.22 -19.05 34.10
CA GLY B 220 -11.89 -17.71 33.60
C GLY B 220 -10.41 -17.47 33.52
N CYS B 221 -10.01 -16.57 32.60
CA CYS B 221 -8.61 -16.21 32.39
C CYS B 221 -8.49 -14.88 31.68
N LEU B 222 -7.25 -14.48 31.41
CA LEU B 222 -6.92 -13.20 30.77
C LEU B 222 -6.56 -13.37 29.31
N ALA B 223 -6.84 -12.30 28.54
CA ALA B 223 -6.56 -12.20 27.11
C ALA B 223 -6.00 -10.83 26.78
N LEU B 224 -4.69 -10.76 26.51
CA LEU B 224 -4.03 -9.53 26.05
C LEU B 224 -4.26 -9.48 24.51
N VAL B 225 -4.84 -8.38 24.01
CA VAL B 225 -5.10 -8.19 22.55
C VAL B 225 -3.92 -7.42 22.00
N ASP B 226 -2.94 -8.17 21.48
CA ASP B 226 -1.62 -7.72 21.07
C ASP B 226 -1.33 -7.73 19.55
N THR B 227 -1.38 -6.55 18.95
CA THR B 227 -1.11 -6.35 17.53
C THR B 227 0.35 -6.66 17.14
N GLY B 228 1.28 -6.51 18.08
CA GLY B 228 2.71 -6.75 17.85
C GLY B 228 3.16 -8.19 18.01
N ALA B 229 2.23 -9.12 18.31
CA ALA B 229 2.47 -10.55 18.45
C ALA B 229 2.00 -11.27 17.19
N SER B 230 2.74 -12.29 16.78
CA SER B 230 2.47 -13.05 15.58
C SER B 230 1.34 -14.03 15.75
N TYR B 231 1.29 -14.67 16.90
CA TYR B 231 0.35 -15.75 17.16
C TYR B 231 -0.66 -15.51 18.24
N ILE B 232 -1.49 -16.52 18.46
CA ILE B 232 -2.40 -16.64 19.56
C ILE B 232 -1.50 -17.48 20.49
N SER B 233 -1.28 -16.98 21.69
CA SER B 233 -0.44 -17.66 22.64
C SER B 233 -1.14 -17.82 23.98
N GLY B 234 -0.74 -18.85 24.67
CA GLY B 234 -1.18 -19.15 26.02
C GLY B 234 0.02 -19.67 26.77
N SER B 235 -0.14 -19.91 28.07
CA SER B 235 0.89 -20.49 28.94
C SER B 235 1.28 -21.88 28.40
N THR B 236 2.55 -22.29 28.63
CA THR B 236 3.09 -23.61 28.29
C THR B 236 2.09 -24.71 28.65
N SER B 237 1.48 -24.61 29.83
CA SER B 237 0.49 -25.56 30.33
C SER B 237 -0.76 -25.63 29.46
N SER B 238 -1.40 -24.46 29.20
CA SER B 238 -2.60 -24.35 28.38
C SER B 238 -2.40 -24.87 26.96
N ILE B 239 -1.30 -24.45 26.31
CA ILE B 239 -0.95 -24.87 24.95
C ILE B 239 -0.71 -26.39 24.90
N GLU B 240 -0.11 -26.99 25.97
CA GLU B 240 0.09 -28.44 26.05
C GLU B 240 -1.26 -29.16 26.04
N LYS B 241 -2.22 -28.72 26.86
CA LYS B 241 -3.55 -29.32 26.90
C LYS B 241 -4.21 -29.18 25.53
N LEU B 242 -4.21 -27.94 24.99
CA LEU B 242 -4.78 -27.57 23.69
C LEU B 242 -4.28 -28.49 22.58
N MET B 243 -2.96 -28.65 22.47
CA MET B 243 -2.33 -29.45 21.41
C MET B 243 -2.67 -30.93 21.52
N GLU B 244 -2.62 -31.45 22.75
CA GLU B 244 -2.96 -32.83 23.07
C GLU B 244 -4.37 -33.11 22.56
N ALA B 245 -5.28 -32.15 22.74
CA ALA B 245 -6.67 -32.23 22.27
C ALA B 245 -6.74 -32.19 20.74
N LEU B 246 -5.82 -31.42 20.08
CA LEU B 246 -5.80 -31.29 18.63
C LEU B 246 -5.19 -32.50 17.91
N GLY B 247 -4.29 -33.20 18.58
CA GLY B 247 -3.59 -34.34 18.01
C GLY B 247 -2.30 -33.88 17.37
N ALA B 248 -1.87 -32.64 17.72
CA ALA B 248 -0.63 -32.01 17.29
C ALA B 248 0.53 -32.45 18.19
N LYS B 249 1.71 -32.68 17.61
CA LYS B 249 2.90 -33.08 18.35
C LYS B 249 3.95 -31.99 18.26
N LYS B 250 4.87 -31.95 19.21
CA LYS B 250 5.97 -31.00 19.13
C LYS B 250 7.04 -31.69 18.27
N ARG B 251 7.45 -31.11 17.10
CA ARG B 251 8.51 -31.78 16.34
C ARG B 251 9.83 -31.59 17.05
N LEU B 252 10.45 -30.43 16.86
CA LEU B 252 11.70 -30.12 17.56
C LEU B 252 11.61 -28.78 18.21
N PHE B 253 10.91 -27.86 17.56
CA PHE B 253 10.76 -26.51 18.08
C PHE B 253 9.30 -26.15 18.15
N ASP B 254 8.49 -26.57 17.16
CA ASP B 254 7.09 -26.14 17.13
C ASP B 254 6.09 -27.27 16.99
N TYR B 255 4.80 -26.95 17.12
CA TYR B 255 3.74 -27.95 17.08
C TYR B 255 3.27 -28.16 15.67
N VAL B 256 3.17 -29.42 15.23
CA VAL B 256 2.81 -29.77 13.85
C VAL B 256 1.69 -30.81 13.70
N VAL B 257 1.09 -30.85 12.51
CA VAL B 257 0.08 -31.83 12.07
C VAL B 257 0.45 -32.28 10.65
N LYS B 258 -0.03 -33.47 10.21
CA LYS B 258 0.14 -33.91 8.85
C LYS B 258 -0.65 -32.87 8.03
N CYS B 259 -0.06 -32.28 6.98
CA CYS B 259 -0.74 -31.22 6.21
C CYS B 259 -2.17 -31.58 5.74
N ASN B 260 -2.40 -32.82 5.29
CA ASN B 260 -3.70 -33.34 4.84
C ASN B 260 -4.74 -33.38 5.97
N GLU B 261 -4.29 -33.63 7.21
CA GLU B 261 -5.06 -33.70 8.44
C GLU B 261 -5.58 -32.35 8.90
N GLY B 262 -4.91 -31.28 8.51
CA GLY B 262 -5.28 -29.93 8.92
C GLY B 262 -6.75 -29.63 8.78
N PRO B 263 -7.33 -29.79 7.56
CA PRO B 263 -8.76 -29.53 7.36
C PRO B 263 -9.70 -30.24 8.33
N THR B 264 -9.24 -31.38 8.84
CA THR B 264 -9.87 -32.31 9.77
C THR B 264 -9.91 -31.77 11.23
N LEU B 265 -9.03 -30.80 11.58
CA LEU B 265 -8.93 -30.30 12.95
C LEU B 265 -10.15 -29.48 13.41
N PRO B 266 -10.53 -29.52 14.71
CA PRO B 266 -11.73 -28.79 15.15
C PRO B 266 -11.59 -27.28 15.29
N ASP B 267 -12.75 -26.60 15.32
CA ASP B 267 -12.85 -25.17 15.53
C ASP B 267 -12.35 -24.82 16.94
N ILE B 268 -11.65 -23.71 17.09
CA ILE B 268 -11.18 -23.24 18.40
C ILE B 268 -11.94 -21.97 18.69
N SER B 269 -12.74 -21.95 19.78
CA SER B 269 -13.58 -20.81 20.16
C SER B 269 -13.08 -20.10 21.41
N PHE B 270 -13.09 -18.75 21.39
CA PHE B 270 -12.67 -17.88 22.51
C PHE B 270 -13.87 -17.10 23.00
N HIS B 271 -14.28 -17.41 24.25
CA HIS B 271 -15.43 -16.76 24.88
C HIS B 271 -15.01 -15.41 25.44
N LEU B 272 -15.50 -14.35 24.80
CA LEU B 272 -15.22 -12.96 25.12
C LEU B 272 -16.51 -12.14 24.99
N GLY B 273 -16.84 -11.40 26.04
CA GLY B 273 -18.04 -10.56 26.12
C GLY B 273 -19.34 -11.30 25.95
N GLY B 274 -19.40 -12.51 26.49
CA GLY B 274 -20.59 -13.36 26.36
C GLY B 274 -20.79 -13.89 24.97
N LYS B 275 -19.87 -13.53 24.02
CA LYS B 275 -19.82 -13.93 22.60
C LYS B 275 -18.75 -14.99 22.37
N GLU B 276 -18.86 -15.74 21.25
CA GLU B 276 -17.93 -16.80 20.90
C GLU B 276 -17.19 -16.44 19.61
N TYR B 277 -15.86 -16.30 19.71
CA TYR B 277 -14.96 -15.97 18.61
C TYR B 277 -14.26 -17.25 18.16
N THR B 278 -14.76 -17.78 17.05
CA THR B 278 -14.37 -19.05 16.47
C THR B 278 -13.39 -18.92 15.31
N LEU B 279 -12.32 -19.72 15.38
CA LEU B 279 -11.32 -19.87 14.33
C LEU B 279 -11.45 -21.31 13.85
N THR B 280 -11.47 -21.53 12.52
CA THR B 280 -11.49 -22.89 11.97
C THR B 280 -10.03 -23.29 11.75
N SER B 281 -9.77 -24.56 11.40
CA SER B 281 -8.40 -25.04 11.15
C SER B 281 -7.70 -24.23 10.04
N ALA B 282 -8.48 -23.69 9.10
CA ALA B 282 -7.97 -22.84 8.03
C ALA B 282 -7.42 -21.51 8.57
N ASP B 283 -7.85 -21.12 9.78
CA ASP B 283 -7.45 -19.87 10.43
C ASP B 283 -6.25 -20.05 11.35
N TYR B 284 -5.93 -21.28 11.74
CA TYR B 284 -4.81 -21.46 12.65
C TYR B 284 -3.74 -22.47 12.18
N VAL B 285 -3.93 -23.11 11.01
CA VAL B 285 -2.92 -24.02 10.45
C VAL B 285 -2.27 -23.33 9.26
N PHE B 286 -0.92 -23.33 9.19
CA PHE B 286 -0.21 -22.78 8.02
C PHE B 286 -0.19 -23.89 6.97
N GLN B 287 -1.23 -23.90 6.11
CA GLN B 287 -1.38 -24.91 5.06
C GLN B 287 -0.44 -24.67 3.89
N GLU B 288 0.88 -24.87 4.14
CA GLU B 288 1.98 -24.79 3.16
C GLU B 288 1.76 -25.76 2.00
N SER B 289 1.00 -26.85 2.27
CA SER B 289 0.55 -27.88 1.35
C SER B 289 -0.64 -28.60 1.98
N TYR B 290 -1.21 -29.57 1.27
CA TYR B 290 -2.32 -30.37 1.81
C TYR B 290 -1.92 -31.86 1.66
N SER B 291 -0.59 -32.09 1.60
CA SER B 291 0.07 -33.37 1.44
C SER B 291 0.05 -34.21 2.71
N SER B 292 -0.22 -35.51 2.51
CA SER B 292 -0.17 -36.56 3.52
C SER B 292 1.31 -36.93 3.85
N LYS B 293 2.21 -36.48 2.99
CA LYS B 293 3.66 -36.70 3.04
C LYS B 293 4.45 -35.52 3.67
N LYS B 294 3.76 -34.49 4.16
CA LYS B 294 4.39 -33.32 4.77
C LYS B 294 3.78 -32.88 6.10
N LEU B 295 4.59 -32.17 6.91
CA LEU B 295 4.20 -31.60 8.22
C LEU B 295 3.89 -30.11 8.12
N CYS B 296 2.82 -29.66 8.79
CA CYS B 296 2.33 -28.28 8.78
C CYS B 296 2.34 -27.69 10.17
N THR B 297 2.82 -26.45 10.31
CA THR B 297 2.88 -25.75 11.60
C THR B 297 1.60 -25.05 11.96
N LEU B 298 1.38 -24.79 13.27
CA LEU B 298 0.20 -24.05 13.74
C LEU B 298 0.57 -22.63 14.16
N ALA B 299 -0.33 -21.66 13.98
CA ALA B 299 -0.22 -20.24 14.31
C ALA B 299 -0.66 -19.95 15.75
N ILE B 300 -0.42 -20.93 16.64
CA ILE B 300 -0.66 -20.96 18.08
C ILE B 300 0.62 -21.51 18.71
N HIS B 301 1.23 -20.73 19.62
CA HIS B 301 2.52 -21.03 20.27
C HIS B 301 2.42 -20.77 21.74
N ALA B 302 3.22 -21.47 22.56
CA ALA B 302 3.27 -21.20 24.00
C ALA B 302 4.11 -19.96 24.26
N MET B 303 3.64 -19.16 25.22
CA MET B 303 4.33 -17.97 25.70
C MET B 303 3.90 -17.63 27.11
N ASP B 304 4.83 -17.75 28.04
CA ASP B 304 4.62 -17.47 29.44
C ASP B 304 4.95 -16.00 29.65
N ILE B 305 3.88 -15.16 29.68
CA ILE B 305 4.01 -13.72 29.91
C ILE B 305 4.17 -13.55 31.42
N PRO B 306 5.23 -12.86 31.88
CA PRO B 306 5.41 -12.72 33.33
C PRO B 306 4.41 -11.74 33.99
N PRO B 307 4.22 -11.81 35.33
CA PRO B 307 3.38 -10.79 36.00
C PRO B 307 4.09 -9.44 35.99
N PRO B 308 3.39 -8.30 36.12
CA PRO B 308 1.96 -8.11 36.42
C PRO B 308 0.96 -8.49 35.33
N THR B 309 1.33 -8.31 34.03
CA THR B 309 0.44 -8.59 32.88
C THR B 309 0.03 -10.06 32.80
N GLY B 310 1.02 -10.94 32.98
CA GLY B 310 0.79 -12.36 32.93
C GLY B 310 0.59 -13.03 34.29
N PRO B 311 0.34 -14.37 34.30
CA PRO B 311 0.15 -15.26 33.15
C PRO B 311 -1.13 -14.82 32.41
N THR B 312 -1.07 -14.83 31.05
CA THR B 312 -2.17 -14.42 30.17
C THR B 312 -2.06 -15.04 28.80
N TRP B 313 -3.20 -15.13 28.11
CA TRP B 313 -3.25 -15.52 26.71
C TRP B 313 -2.96 -14.22 25.96
N ALA B 314 -2.46 -14.33 24.73
CA ALA B 314 -2.18 -13.18 23.88
C ALA B 314 -2.81 -13.46 22.53
N LEU B 315 -3.74 -12.58 22.10
CA LEU B 315 -4.44 -12.71 20.83
C LEU B 315 -3.72 -11.82 19.83
N GLY B 316 -2.81 -12.42 19.06
CA GLY B 316 -1.98 -11.74 18.08
C GLY B 316 -2.55 -11.76 16.69
N ALA B 317 -1.68 -11.68 15.68
CA ALA B 317 -2.07 -11.66 14.26
C ALA B 317 -3.05 -12.78 13.86
N THR B 318 -2.86 -14.01 14.41
CA THR B 318 -3.75 -15.17 14.12
C THR B 318 -5.22 -14.82 14.38
N PHE B 319 -5.49 -14.17 15.53
CA PHE B 319 -6.82 -13.72 15.93
C PHE B 319 -7.29 -12.52 15.12
N ILE B 320 -6.44 -11.50 14.95
CA ILE B 320 -6.79 -10.25 14.24
C ILE B 320 -7.04 -10.51 12.74
N ARG B 321 -6.42 -11.52 12.17
CA ARG B 321 -6.70 -11.84 10.76
C ARG B 321 -8.17 -12.20 10.58
N LYS B 322 -8.73 -12.99 11.50
CA LYS B 322 -10.14 -13.38 11.46
C LYS B 322 -11.05 -12.21 11.89
N PHE B 323 -10.65 -11.47 12.94
CA PHE B 323 -11.46 -10.41 13.48
C PHE B 323 -10.83 -9.03 13.44
N TYR B 324 -11.41 -8.14 12.61
CA TYR B 324 -11.06 -6.72 12.53
C TYR B 324 -11.20 -6.16 13.99
N THR B 325 -10.17 -5.45 14.48
CA THR B 325 -10.12 -4.98 15.87
C THR B 325 -10.10 -3.44 16.02
N GLU B 326 -10.95 -2.92 16.90
CA GLU B 326 -11.01 -1.50 17.23
C GLU B 326 -10.62 -1.31 18.71
N PHE B 327 -9.63 -0.46 18.94
CA PHE B 327 -9.15 -0.15 20.29
C PHE B 327 -9.71 1.22 20.66
N ASP B 328 -10.64 1.21 21.64
CA ASP B 328 -11.41 2.36 22.08
C ASP B 328 -10.82 2.95 23.36
N ARG B 329 -10.08 4.06 23.24
CA ARG B 329 -9.48 4.73 24.39
C ARG B 329 -10.52 5.54 25.21
N ARG B 330 -11.56 6.06 24.53
CA ARG B 330 -12.63 6.81 25.18
C ARG B 330 -13.41 5.95 26.20
N ASN B 331 -13.71 4.68 25.85
CA ASN B 331 -14.52 3.84 26.69
C ASN B 331 -13.79 2.66 27.31
N ASN B 332 -12.44 2.63 27.20
CA ASN B 332 -11.58 1.54 27.71
C ASN B 332 -12.17 0.18 27.39
N ARG B 333 -12.27 -0.11 26.07
CA ARG B 333 -12.85 -1.34 25.53
C ARG B 333 -12.24 -1.68 24.17
N ILE B 334 -12.39 -2.94 23.75
CA ILE B 334 -11.94 -3.44 22.46
C ILE B 334 -13.16 -3.97 21.71
N GLY B 335 -13.35 -3.54 20.46
CA GLY B 335 -14.41 -4.00 19.59
C GLY B 335 -13.92 -4.97 18.53
N PHE B 336 -14.72 -6.00 18.21
CA PHE B 336 -14.38 -6.97 17.19
C PHE B 336 -15.49 -7.15 16.17
N ALA B 337 -15.13 -7.27 14.92
CA ALA B 337 -16.09 -7.56 13.84
C ALA B 337 -15.37 -8.50 12.90
N LEU B 338 -16.14 -9.27 12.13
CA LEU B 338 -15.58 -10.23 11.18
C LEU B 338 -14.85 -9.49 10.04
N ALA B 339 -13.57 -9.82 9.84
CA ALA B 339 -12.77 -9.18 8.81
C ALA B 339 -13.12 -9.61 7.38
N ARG B 340 -12.77 -8.71 6.43
CA ARG B 340 -12.89 -8.84 4.98
C ARG B 340 -11.52 -8.42 4.38
C1 NAG C . -10.71 16.14 -40.78
C2 NAG C . -11.12 16.85 -42.08
C3 NAG C . -10.19 18.04 -42.25
C4 NAG C . -10.35 19.00 -41.07
C5 NAG C . -10.01 18.26 -39.77
C6 NAG C . -10.30 19.08 -38.53
C7 NAG C . -12.24 15.56 -43.87
C8 NAG C . -12.03 14.75 -45.11
N2 NAG C . -11.11 16.01 -43.25
O3 NAG C . -10.49 18.73 -43.47
O4 NAG C . -9.54 20.16 -41.24
O5 NAG C . -10.80 17.07 -39.67
O6 NAG C . -9.68 20.37 -38.55
O7 NAG C . -13.37 15.80 -43.43
C1 3ZJ D . 2.00 1.87 -23.32
C3 3ZJ D . 1.73 4.22 -24.12
C11 3ZJ D . 7.18 6.86 -24.03
C13 3ZJ D . 0.50 -2.12 -22.33
C14 3ZJ D . 1.53 -0.57 -23.93
C15 3ZJ D . -0.26 2.64 -23.94
C16 3ZJ D . 1.02 -1.84 -23.62
C17 3ZJ D . 2.01 5.49 -21.82
C18 3ZJ D . 2.63 7.41 -23.12
C20 3ZJ D . 6.90 8.35 -24.33
C22 3ZJ D . -1.60 0.37 -19.15
C24 3ZJ D . -0.25 -0.36 -19.05
C25 3ZJ D . -1.69 1.59 -18.18
C26 3ZJ D . -1.21 3.49 -23.04
C27 3ZJ D . -0.65 2.54 -25.43
C28 3ZJ D . 7.36 8.93 -25.54
C29 3ZJ D . 6.22 9.12 -23.40
C30 3ZJ D . 0.52 -4.66 -22.44
N2 3ZJ D . 1.18 2.90 -23.73
C4 3ZJ D . 2.64 4.96 -23.11
N5 3ZJ D . 4.74 6.21 -23.48
C6 3ZJ D . 1.49 0.47 -22.99
C7 3ZJ D . 3.32 6.20 -23.74
C8 3ZJ D . 0.96 0.22 -21.72
C9 3ZJ D . 0.46 -1.07 -21.36
N10 3ZJ D . 2.27 6.94 -21.78
O12 3ZJ D . 3.21 1.97 -23.15
O19 3ZJ D . -0.08 -1.34 -20.09
O21 3ZJ D . 0.00 -3.40 -21.97
O23 3ZJ D . -1.93 1.15 -16.84
C31 3ZJ D . -0.93 1.62 -15.91
C32 3ZJ D . 7.15 10.29 -25.80
C33 3ZJ D . 5.98 10.49 -23.67
C34 3ZJ D . 6.46 11.08 -24.86
S35 3ZJ D . 5.80 5.87 -24.67
O36 3ZJ D . 6.12 4.46 -24.54
O37 3ZJ D . 5.34 6.37 -25.95
S SO4 E . 4.18 -3.61 -6.54
O1 SO4 E . 3.81 -2.18 -6.57
O2 SO4 E . 4.50 -4.02 -5.19
O3 SO4 E . 3.05 -4.43 -6.99
O4 SO4 E . 5.33 -3.83 -7.44
C1 NAG F . 14.13 14.46 29.06
C2 NAG F . 14.66 15.63 29.91
C3 NAG F . 14.18 15.40 31.34
C4 NAG F . 12.66 15.30 31.40
C5 NAG F . 12.15 14.23 30.43
C6 NAG F . 10.65 14.20 30.28
C7 NAG F . 16.77 16.65 29.16
C8 NAG F . 18.26 16.67 29.36
N2 NAG F . 16.10 15.72 29.86
O3 NAG F . 14.63 16.48 32.16
O4 NAG F . 12.25 14.95 32.72
O5 NAG F . 12.69 14.47 29.12
O6 NAG F . 10.02 13.97 31.54
O7 NAG F . 16.21 17.43 28.40
C1 3ZJ G . 8.16 -8.83 19.63
C3 3ZJ G . 7.34 -7.18 21.30
C11 3ZJ G . 5.28 -10.40 26.05
C13 3ZJ G . 9.76 -10.09 15.82
C14 3ZJ G . 10.13 -9.49 18.16
C15 3ZJ G . 8.23 -6.47 18.99
C16 3ZJ G . 10.64 -9.89 16.92
C17 3ZJ G . 4.71 -7.56 21.05
C18 3ZJ G . 4.60 -6.62 23.27
C20 3ZJ G . 4.67 -9.32 26.97
C22 3ZJ G . 5.82 -8.33 14.47
C24 3ZJ G . 6.10 -9.81 14.84
C25 3ZJ G . 4.35 -7.97 14.67
C26 3ZJ G . 7.05 -5.60 18.47
C27 3ZJ G . 9.48 -5.63 19.40
C28 3ZJ G . 5.22 -9.08 28.24
C29 3ZJ G . 3.54 -8.55 26.58
C30 3ZJ G . 11.30 -11.41 14.36
N2 3ZJ G . 7.88 -7.52 19.96
C4 3ZJ G . 6.04 -7.87 21.78
N5 3ZJ G . 5.46 -8.88 23.93
C6 3ZJ G . 8.75 -9.26 18.30
C7 3ZJ G . 5.77 -7.62 23.27
C8 3ZJ G . 7.88 -9.45 17.20
C9 3ZJ G . 8.38 -9.85 15.95
N10 3ZJ G . 3.80 -7.01 22.08
O12 3ZJ G . 7.94 -9.80 20.36
O19 3ZJ G . 7.53 -10.08 14.84
O21 3ZJ G . 10.24 -10.47 14.56
O23 3ZJ G . 3.57 -8.47 13.59
C31 3ZJ G . 2.47 -9.29 14.05
C32 3ZJ G . 4.69 -8.08 29.09
C33 3ZJ G . 2.99 -7.55 27.42
C34 3ZJ G . 3.58 -7.30 28.68
S35 3ZJ G . 6.49 -9.63 24.94
O36 3ZJ G . 7.24 -10.62 24.19
O37 3ZJ G . 7.24 -8.60 25.66
S DMS H . 5.69 -12.41 18.67
O DMS H . 5.74 -11.90 20.07
C1 DMS H . 7.33 -12.96 18.34
C2 DMS H . 4.86 -13.97 18.81
S DMS I . 8.64 -14.50 13.44
O DMS I . 9.03 -13.78 12.19
C1 DMS I . 10.14 -14.99 14.24
C2 DMS I . 8.12 -13.28 14.60
#